data_3LOU
#
_entry.id   3LOU
#
_cell.length_a   74.628
_cell.length_b   93.476
_cell.length_c   98.802
_cell.angle_alpha   90.000
_cell.angle_beta   95.290
_cell.angle_gamma   90.000
#
_symmetry.space_group_name_H-M   'P 1 21 1'
#
loop_
_entity.id
_entity.type
_entity.pdbx_description
1 polymer 'Formyltetrahydrofolate deformylase'
2 non-polymer 'UNKNOWN LIGAND'
3 non-polymer 'SULFATE ION'
4 non-polymer 1,2-ETHANEDIOL
5 non-polymer DI(HYDROXYETHYL)ETHER
6 water water
#
_entity_poly.entity_id   1
_entity_poly.type   'polypeptide(L)'
_entity_poly.pdbx_seq_one_letter_code
;G(MSE)SVPQRPHQFVLTLSCPSAAGQVAAVVGLLDRHRCYVDELTVFDDDLSARFFVRCVFHATDDADALRVDALRREF
EPIAERFR(MSE)QWAIHDVAARPKVLI(MSE)VSKLEHCLADLLFRWK(MSE)GELK(MSE)DIVGIVSNHPDFAPLAA
QHGLPFRHFPITADTKAQQEAQWLDVFETSGAELVILARY(MSE)QVLSPEASARLANRAINIHHSFLPGFKGAKPYHQA
HARGVKLIGATAHFVTDDLDEGPIIEQVVERVDHSYRPEQLLAVGRDVECITLARAVKAFIERRVFLNGDRTVVFQ
;
_entity_poly.pdbx_strand_id   A,B,C,D
#
loop_
_chem_comp.id
_chem_comp.type
_chem_comp.name
_chem_comp.formula
EDO non-polymer 1,2-ETHANEDIOL 'C2 H6 O2'
PEG non-polymer DI(HYDROXYETHYL)ETHER 'C4 H10 O3'
SO4 non-polymer 'SULFATE ION' 'O4 S -2'
UNL non-polymer 'UNKNOWN LIGAND' ?
#
# COMPACT_ATOMS: atom_id res chain seq x y z
N PRO A 8 -0.84 -28.27 -21.03
CA PRO A 8 -2.07 -27.96 -21.76
C PRO A 8 -1.89 -26.73 -22.66
N HIS A 9 -2.18 -26.88 -23.96
CA HIS A 9 -2.10 -25.74 -24.89
C HIS A 9 -3.40 -24.92 -24.75
N GLN A 10 -3.26 -23.71 -24.21
CA GLN A 10 -4.43 -22.86 -23.95
C GLN A 10 -4.75 -21.79 -25.02
N PHE A 11 -6.05 -21.48 -25.11
CA PHE A 11 -6.55 -20.40 -25.95
C PHE A 11 -7.41 -19.49 -25.12
N VAL A 12 -7.56 -18.25 -25.56
CA VAL A 12 -8.40 -17.29 -24.84
C VAL A 12 -9.40 -16.63 -25.78
N LEU A 13 -10.68 -16.71 -25.40
CA LEU A 13 -11.77 -16.08 -26.11
C LEU A 13 -12.09 -14.80 -25.40
N THR A 14 -12.08 -13.70 -26.12
CA THR A 14 -12.57 -12.46 -25.58
C THR A 14 -13.72 -11.99 -26.46
N LEU A 15 -14.68 -11.36 -25.85
CA LEU A 15 -15.82 -10.80 -26.56
C LEU A 15 -16.48 -9.69 -25.80
N SER A 16 -17.07 -8.77 -26.57
CA SER A 16 -17.93 -7.71 -26.03
C SER A 16 -19.12 -7.61 -26.95
N CYS A 17 -20.28 -7.28 -26.40
CA CYS A 17 -21.51 -7.20 -27.18
C CYS A 17 -22.59 -6.45 -26.41
N PRO A 18 -23.71 -6.10 -27.08
CA PRO A 18 -24.79 -5.42 -26.36
C PRO A 18 -25.40 -6.37 -25.35
N SER A 19 -25.81 -5.82 -24.21
CA SER A 19 -26.45 -6.61 -23.17
C SER A 19 -27.66 -7.33 -23.73
N ALA A 20 -27.79 -8.59 -23.33
CA ALA A 20 -28.88 -9.48 -23.75
C ALA A 20 -28.67 -10.80 -23.03
N ALA A 21 -29.64 -11.67 -23.08
CA ALA A 21 -29.55 -12.96 -22.39
C ALA A 21 -29.01 -14.06 -23.29
N GLY A 22 -28.28 -15.01 -22.71
CA GLY A 22 -27.91 -16.28 -23.39
C GLY A 22 -26.54 -16.42 -24.02
N GLN A 23 -25.69 -15.40 -23.89
CA GLN A 23 -24.35 -15.45 -24.48
C GLN A 23 -23.48 -16.52 -23.87
N VAL A 24 -23.41 -16.55 -22.54
CA VAL A 24 -22.50 -17.48 -21.88
C VAL A 24 -22.91 -18.92 -22.15
N ALA A 25 -24.21 -19.17 -22.11
CA ALA A 25 -24.75 -20.51 -22.46
C ALA A 25 -24.31 -20.94 -23.87
N ALA A 26 -24.37 -20.01 -24.80
CA ALA A 26 -24.01 -20.30 -26.18
C ALA A 26 -22.53 -20.57 -26.27
N VAL A 27 -21.73 -19.73 -25.61
CA VAL A 27 -20.29 -19.91 -25.61
C VAL A 27 -19.89 -21.24 -24.94
N VAL A 28 -20.36 -21.49 -23.72
CA VAL A 28 -19.91 -22.72 -23.03
C VAL A 28 -20.43 -23.95 -23.71
N GLY A 29 -21.55 -23.84 -24.43
CA GLY A 29 -22.13 -24.96 -25.13
C GLY A 29 -21.25 -25.40 -26.28
N LEU A 30 -20.72 -24.42 -27.03
CA LEU A 30 -19.84 -24.64 -28.15
C LEU A 30 -18.53 -25.23 -27.66
N LEU A 31 -18.00 -24.69 -26.57
CA LEU A 31 -16.76 -25.15 -25.99
C LEU A 31 -16.86 -26.62 -25.49
N ASP A 32 -17.98 -26.92 -24.81
CA ASP A 32 -18.26 -28.28 -24.33
C ASP A 32 -18.32 -29.25 -25.49
N ARG A 33 -18.90 -28.82 -26.62
CA ARG A 33 -19.00 -29.65 -27.81
C ARG A 33 -17.64 -29.96 -28.42
N HIS A 34 -16.68 -29.07 -28.22
CA HIS A 34 -15.32 -29.28 -28.75
C HIS A 34 -14.43 -29.87 -27.66
N ARG A 35 -15.07 -30.33 -26.59
CA ARG A 35 -14.38 -30.97 -25.46
C ARG A 35 -13.23 -30.13 -24.95
N CYS A 36 -13.54 -28.85 -24.72
CA CYS A 36 -12.60 -27.92 -24.17
C CYS A 36 -12.85 -27.74 -22.68
N TYR A 37 -11.78 -27.73 -21.92
CA TYR A 37 -11.84 -27.53 -20.48
C TYR A 37 -11.74 -26.03 -20.25
N VAL A 38 -12.68 -25.45 -19.50
CA VAL A 38 -12.58 -24.01 -19.16
C VAL A 38 -11.63 -23.78 -17.96
N ASP A 39 -10.52 -23.10 -18.20
CA ASP A 39 -9.56 -22.80 -17.11
C ASP A 39 -9.90 -21.50 -16.37
N GLU A 40 -10.34 -20.49 -17.11
CA GLU A 40 -10.71 -19.21 -16.54
C GLU A 40 -11.97 -18.71 -17.23
N LEU A 41 -12.87 -18.08 -16.47
CA LEU A 41 -14.06 -17.45 -17.02
C LEU A 41 -14.41 -16.24 -16.16
N THR A 42 -14.39 -15.07 -16.82
CA THR A 42 -14.78 -13.82 -16.19
CA THR A 42 -14.79 -13.82 -16.19
C THR A 42 -15.82 -13.13 -17.08
N VAL A 43 -16.91 -12.72 -16.46
CA VAL A 43 -18.01 -12.11 -17.13
C VAL A 43 -18.36 -10.82 -16.42
N PHE A 44 -18.74 -9.81 -17.20
CA PHE A 44 -19.15 -8.53 -16.65
C PHE A 44 -20.18 -7.88 -17.51
N ASP A 45 -21.32 -7.56 -16.93
CA ASP A 45 -22.35 -6.81 -17.61
C ASP A 45 -22.39 -5.42 -17.04
N ASP A 46 -22.27 -4.43 -17.91
CA ASP A 46 -22.35 -3.04 -17.51
C ASP A 46 -23.72 -2.55 -17.86
N ASP A 47 -24.61 -2.50 -16.88
CA ASP A 47 -25.98 -2.12 -17.12
C ASP A 47 -26.11 -0.64 -17.40
N LEU A 48 -25.08 0.15 -17.15
CA LEU A 48 -25.18 1.58 -17.50
C LEU A 48 -24.86 1.83 -19.00
N SER A 49 -23.85 1.15 -19.53
CA SER A 49 -23.51 1.28 -20.93
C SER A 49 -24.22 0.18 -21.74
N ALA A 50 -24.91 -0.75 -21.05
CA ALA A 50 -25.63 -1.85 -21.74
C ALA A 50 -24.66 -2.66 -22.60
N ARG A 51 -23.51 -2.97 -22.04
CA ARG A 51 -22.49 -3.73 -22.71
C ARG A 51 -22.05 -4.90 -21.83
N PHE A 52 -21.78 -6.01 -22.48
CA PHE A 52 -21.46 -7.25 -21.84
C PHE A 52 -20.07 -7.71 -22.28
N PHE A 53 -19.31 -8.28 -21.35
CA PHE A 53 -17.94 -8.66 -21.59
C PHE A 53 -17.62 -10.07 -21.07
N VAL A 54 -16.89 -10.83 -21.87
CA VAL A 54 -16.45 -12.17 -21.44
C VAL A 54 -15.03 -12.43 -21.84
N ARG A 55 -14.27 -13.03 -20.91
CA ARG A 55 -12.96 -13.55 -21.19
C ARG A 55 -12.98 -14.99 -20.68
N CYS A 56 -12.60 -15.92 -21.56
CA CYS A 56 -12.61 -17.33 -21.22
C CYS A 56 -11.35 -18.00 -21.75
N VAL A 57 -10.57 -18.58 -20.84
CA VAL A 57 -9.35 -19.29 -21.19
C VAL A 57 -9.68 -20.77 -21.10
N PHE A 58 -9.30 -21.52 -22.12
CA PHE A 58 -9.63 -22.93 -22.20
C PHE A 58 -8.58 -23.72 -22.95
N HIS A 59 -8.67 -25.04 -22.87
CA HIS A 59 -7.76 -25.92 -23.57
C HIS A 59 -8.50 -27.18 -23.96
N ALA A 60 -8.00 -27.89 -24.97
CA ALA A 60 -8.58 -29.14 -25.41
C ALA A 60 -8.25 -30.24 -24.39
N THR A 61 -9.24 -31.09 -24.08
CA THR A 61 -9.04 -32.21 -23.14
C THR A 61 -8.35 -33.42 -23.81
N ASP A 62 -8.74 -33.74 -25.04
CA ASP A 62 -8.13 -34.89 -25.77
C ASP A 62 -6.62 -34.73 -26.00
N LEU A 67 -7.41 -30.32 -31.27
CA LEU A 67 -8.33 -29.18 -31.27
C LEU A 67 -8.29 -28.40 -32.57
N ARG A 68 -9.30 -28.63 -33.42
CA ARG A 68 -9.43 -27.91 -34.67
C ARG A 68 -9.92 -26.49 -34.35
N VAL A 69 -8.95 -25.61 -34.11
CA VAL A 69 -9.20 -24.23 -33.70
C VAL A 69 -9.91 -23.43 -34.78
N ASP A 70 -9.58 -23.72 -36.04
N ASP A 70 -9.63 -23.71 -36.05
CA ASP A 70 -10.19 -23.08 -37.18
CA ASP A 70 -10.30 -22.93 -37.09
C ASP A 70 -11.69 -23.43 -37.24
C ASP A 70 -11.74 -23.42 -37.25
N ALA A 71 -12.00 -24.70 -36.99
CA ALA A 71 -13.39 -25.19 -36.99
C ALA A 71 -14.19 -24.57 -35.82
N LEU A 72 -13.51 -24.34 -34.69
CA LEU A 72 -14.10 -23.67 -33.53
C LEU A 72 -14.48 -22.22 -33.90
N ARG A 73 -13.51 -21.48 -34.44
CA ARG A 73 -13.79 -20.13 -34.91
C ARG A 73 -14.97 -20.13 -35.88
N ARG A 74 -14.92 -21.01 -36.88
CA ARG A 74 -16.01 -21.15 -37.86
CA ARG A 74 -16.00 -21.05 -37.85
C ARG A 74 -17.37 -21.25 -37.17
N GLU A 75 -17.44 -22.16 -36.20
CA GLU A 75 -18.68 -22.44 -35.50
C GLU A 75 -19.07 -21.34 -34.50
N PHE A 76 -18.12 -20.48 -34.16
CA PHE A 76 -18.41 -19.32 -33.28
C PHE A 76 -19.20 -18.22 -34.05
N GLU A 77 -19.04 -18.16 -35.36
CA GLU A 77 -19.67 -17.12 -36.20
C GLU A 77 -21.16 -16.99 -36.00
N PRO A 78 -21.91 -18.10 -36.05
CA PRO A 78 -23.36 -17.89 -35.82
C PRO A 78 -23.66 -17.28 -34.45
N ILE A 79 -22.79 -17.56 -33.47
CA ILE A 79 -23.01 -17.00 -32.16
C ILE A 79 -22.71 -15.48 -32.19
N ALA A 80 -21.59 -15.10 -32.78
CA ALA A 80 -21.20 -13.70 -32.81
C ALA A 80 -22.20 -12.89 -33.59
N GLU A 81 -22.67 -13.44 -34.72
CA GLU A 81 -23.68 -12.79 -35.53
C GLU A 81 -24.98 -12.60 -34.76
N ARG A 82 -25.44 -13.64 -34.06
CA ARG A 82 -26.71 -13.57 -33.35
C ARG A 82 -26.66 -12.52 -32.26
N PHE A 83 -25.58 -12.52 -31.48
CA PHE A 83 -25.43 -11.62 -30.35
C PHE A 83 -24.69 -10.33 -30.66
N ARG A 84 -24.31 -10.13 -31.91
CA ARG A 84 -23.63 -8.88 -32.32
C ARG A 84 -22.33 -8.65 -31.54
N MSE A 85 -21.51 -9.71 -31.45
CA MSE A 85 -20.28 -9.67 -30.72
C MSE A 85 -19.11 -9.24 -31.54
O MSE A 85 -18.98 -9.59 -32.71
CB MSE A 85 -19.91 -11.07 -30.21
CG MSE A 85 -20.89 -11.68 -29.27
SE MSE A 85 -20.49 -13.52 -29.01
CE MSE A 85 -21.78 -13.81 -27.59
N GLN A 86 -18.24 -8.47 -30.89
CA GLN A 86 -16.88 -8.28 -31.35
C GLN A 86 -16.13 -9.32 -30.54
N TRP A 87 -15.27 -10.10 -31.18
CA TRP A 87 -14.65 -11.20 -30.49
C TRP A 87 -13.34 -11.61 -31.11
N ALA A 88 -12.62 -12.46 -30.37
CA ALA A 88 -11.39 -13.02 -30.85
C ALA A 88 -11.01 -14.22 -30.01
N ILE A 89 -10.33 -15.16 -30.62
CA ILE A 89 -9.74 -16.30 -29.94
C ILE A 89 -8.25 -16.23 -30.23
N HIS A 90 -7.44 -16.10 -29.19
CA HIS A 90 -5.99 -16.04 -29.35
C HIS A 90 -5.36 -17.28 -28.78
N ASP A 91 -4.21 -17.64 -29.36
CA ASP A 91 -3.39 -18.71 -28.88
C ASP A 91 -2.58 -18.08 -27.72
N VAL A 92 -2.69 -18.65 -26.52
CA VAL A 92 -2.01 -18.09 -25.35
C VAL A 92 -0.49 -18.15 -25.50
N ALA A 93 0.01 -19.10 -26.28
CA ALA A 93 1.47 -19.24 -26.50
C ALA A 93 2.00 -18.14 -27.44
N ALA A 94 1.14 -17.62 -28.32
CA ALA A 94 1.56 -16.60 -29.25
C ALA A 94 1.99 -15.33 -28.48
N ARG A 95 3.07 -14.72 -28.93
CA ARG A 95 3.57 -13.49 -28.35
C ARG A 95 3.09 -12.32 -29.20
N PRO A 96 2.21 -11.49 -28.66
CA PRO A 96 1.69 -10.38 -29.44
C PRO A 96 2.79 -9.45 -29.93
N LYS A 97 2.66 -9.00 -31.16
CA LYS A 97 3.63 -8.12 -31.79
C LYS A 97 3.37 -6.68 -31.40
N VAL A 98 4.41 -5.98 -30.93
CA VAL A 98 4.27 -4.60 -30.48
C VAL A 98 5.32 -3.67 -31.05
N LEU A 99 4.92 -2.43 -31.28
CA LEU A 99 5.81 -1.37 -31.77
C LEU A 99 5.89 -0.35 -30.66
N ILE A 100 7.11 0.06 -30.31
CA ILE A 100 7.30 1.04 -29.23
C ILE A 100 7.83 2.33 -29.81
N MSE A 101 7.17 3.43 -29.44
CA MSE A 101 7.63 4.74 -29.84
CA MSE A 101 7.57 4.77 -29.84
C MSE A 101 8.24 5.46 -28.64
O MSE A 101 7.72 5.34 -27.49
CB MSE A 101 6.50 5.52 -30.46
CB MSE A 101 6.38 5.61 -30.27
CG MSE A 101 5.81 4.76 -31.54
CG MSE A 101 5.49 5.00 -31.32
SE MSE A 101 4.45 5.81 -32.37
SE MSE A 101 6.11 5.23 -33.15
CE MSE A 101 5.57 7.12 -33.29
CE MSE A 101 6.56 7.11 -33.13
N VAL A 102 9.32 6.19 -28.89
CA VAL A 102 10.04 6.90 -27.89
C VAL A 102 10.63 8.24 -28.46
N SER A 103 10.97 9.15 -27.58
CA SER A 103 11.60 10.40 -27.96
C SER A 103 12.94 10.48 -27.20
N LYS A 104 13.15 11.48 -26.34
CA LYS A 104 14.44 11.61 -25.67
C LYS A 104 14.45 11.12 -24.23
N LEU A 105 13.29 10.67 -23.71
CA LEU A 105 13.22 10.19 -22.36
C LEU A 105 13.27 8.66 -22.34
N GLU A 106 14.25 8.11 -21.62
CA GLU A 106 14.54 6.69 -21.68
C GLU A 106 13.73 5.80 -20.78
N HIS A 107 13.15 6.38 -19.73
CA HIS A 107 12.73 5.56 -18.61
C HIS A 107 11.69 4.51 -18.88
N CYS A 108 10.61 4.84 -19.58
CA CYS A 108 9.58 3.83 -19.90
C CYS A 108 10.14 2.82 -20.88
N LEU A 109 10.80 3.27 -21.95
CA LEU A 109 11.42 2.32 -22.89
C LEU A 109 12.38 1.35 -22.18
N ALA A 110 13.21 1.86 -21.27
CA ALA A 110 14.18 0.99 -20.59
C ALA A 110 13.45 -0.03 -19.68
N ASP A 111 12.45 0.45 -18.97
CA ASP A 111 11.65 -0.40 -18.09
C ASP A 111 10.98 -1.53 -18.87
N LEU A 112 10.34 -1.20 -19.98
CA LEU A 112 9.73 -2.22 -20.86
C LEU A 112 10.71 -3.23 -21.39
N LEU A 113 11.88 -2.78 -21.87
CA LEU A 113 12.92 -3.69 -22.36
C LEU A 113 13.41 -4.62 -21.26
N PHE A 114 13.55 -4.09 -20.05
CA PHE A 114 13.98 -4.93 -18.93
C PHE A 114 12.93 -6.02 -18.64
N ARG A 115 11.67 -5.62 -18.50
CA ARG A 115 10.59 -6.59 -18.23
C ARG A 115 10.44 -7.60 -19.37
N TRP A 116 10.66 -7.14 -20.61
CA TRP A 116 10.65 -8.05 -21.76
C TRP A 116 11.82 -9.06 -21.69
N LYS A 117 13.02 -8.55 -21.47
CA LYS A 117 14.24 -9.39 -21.44
C LYS A 117 14.14 -10.45 -20.35
N MSE A 118 13.54 -10.08 -19.21
CA MSE A 118 13.47 -11.01 -18.07
C MSE A 118 12.27 -11.97 -18.18
O MSE A 118 12.15 -12.94 -17.42
CB MSE A 118 13.44 -10.24 -16.75
CG MSE A 118 14.73 -9.38 -16.52
SE MSE A 118 16.29 -10.38 -16.59
CE MSE A 118 16.01 -11.36 -14.95
N GLY A 119 11.40 -11.72 -19.15
CA GLY A 119 10.30 -12.62 -19.44
C GLY A 119 8.98 -12.29 -18.77
N GLU A 120 8.87 -11.12 -18.14
CA GLU A 120 7.63 -10.72 -17.50
C GLU A 120 6.62 -10.28 -18.57
N LEU A 121 7.08 -9.55 -19.58
CA LEU A 121 6.22 -9.12 -20.67
C LEU A 121 6.45 -10.00 -21.87
N LYS A 122 5.52 -10.90 -22.12
CA LYS A 122 5.70 -11.89 -23.17
C LYS A 122 5.14 -11.38 -24.45
N MSE A 123 5.95 -10.57 -25.15
CA MSE A 123 5.58 -9.96 -26.40
C MSE A 123 6.78 -9.91 -27.32
O MSE A 123 7.93 -9.97 -26.86
CB MSE A 123 5.09 -8.53 -26.17
CG MSE A 123 6.14 -7.58 -25.54
SE MSE A 123 5.38 -5.99 -24.75
CE MSE A 123 6.97 -5.00 -24.28
N ASP A 124 6.49 -9.81 -28.62
N ASP A 124 6.52 -9.79 -28.62
CA ASP A 124 7.49 -9.61 -29.66
CA ASP A 124 7.60 -9.69 -29.61
C ASP A 124 7.58 -8.13 -29.91
C ASP A 124 7.65 -8.23 -30.06
N ILE A 125 8.77 -7.57 -29.79
CA ILE A 125 8.95 -6.14 -30.10
C ILE A 125 9.46 -6.06 -31.52
N VAL A 126 8.58 -5.66 -32.44
CA VAL A 126 8.93 -5.67 -33.84
C VAL A 126 9.80 -4.49 -34.21
N GLY A 127 9.83 -3.48 -33.35
CA GLY A 127 10.63 -2.32 -33.63
C GLY A 127 10.47 -1.21 -32.63
N ILE A 128 11.49 -0.36 -32.56
CA ILE A 128 11.44 0.85 -31.78
C ILE A 128 11.54 1.97 -32.80
N VAL A 129 10.65 2.96 -32.66
CA VAL A 129 10.61 4.09 -33.59
C VAL A 129 10.67 5.43 -32.82
N SER A 130 11.40 6.41 -33.37
CA SER A 130 11.62 7.65 -32.66
C SER A 130 11.78 8.85 -33.56
N ASN A 131 11.37 10.01 -33.06
CA ASN A 131 11.63 11.29 -33.72
C ASN A 131 13.07 11.74 -33.44
N HIS A 132 13.77 11.02 -32.57
CA HIS A 132 15.19 11.30 -32.25
C HIS A 132 16.06 10.02 -32.37
N PRO A 133 17.38 10.19 -32.50
CA PRO A 133 18.28 9.04 -32.67
C PRO A 133 18.84 8.53 -31.36
N ASP A 134 18.45 9.15 -30.26
CA ASP A 134 19.04 8.88 -28.97
C ASP A 134 19.12 7.40 -28.56
N PHE A 135 18.07 6.63 -28.82
CA PHE A 135 18.02 5.25 -28.32
C PHE A 135 18.28 4.18 -29.36
N ALA A 136 18.92 4.57 -30.45
CA ALA A 136 19.30 3.61 -31.44
C ALA A 136 20.27 2.56 -30.82
N PRO A 137 21.25 3.01 -30.01
CA PRO A 137 22.18 2.04 -29.39
C PRO A 137 21.49 1.12 -28.42
N LEU A 138 20.56 1.65 -27.63
CA LEU A 138 19.79 0.83 -26.69
C LEU A 138 19.10 -0.30 -27.45
N ALA A 139 18.48 0.04 -28.58
CA ALA A 139 17.78 -0.93 -29.42
C ALA A 139 18.76 -1.99 -29.93
N ALA A 140 19.90 -1.53 -30.43
CA ALA A 140 20.94 -2.40 -30.97
C ALA A 140 21.40 -3.37 -29.91
N GLN A 141 21.57 -2.89 -28.68
CA GLN A 141 21.99 -3.75 -27.56
C GLN A 141 20.99 -4.88 -27.26
N HIS A 142 19.72 -4.67 -27.62
CA HIS A 142 18.68 -5.68 -27.41
C HIS A 142 18.32 -6.46 -28.67
N GLY A 143 19.03 -6.21 -29.76
CA GLY A 143 18.77 -6.91 -31.03
C GLY A 143 17.48 -6.51 -31.70
N LEU A 144 17.01 -5.30 -31.42
CA LEU A 144 15.72 -4.80 -31.93
C LEU A 144 15.87 -3.74 -33.00
N PRO A 145 15.07 -3.83 -34.06
CA PRO A 145 15.09 -2.80 -35.08
C PRO A 145 14.77 -1.42 -34.51
N PHE A 146 15.46 -0.41 -35.01
CA PHE A 146 15.24 0.95 -34.62
C PHE A 146 15.11 1.79 -35.86
N ARG A 147 14.13 2.71 -35.85
CA ARG A 147 13.99 3.66 -36.98
C ARG A 147 13.85 5.07 -36.45
N HIS A 148 14.72 5.96 -36.95
CA HIS A 148 14.68 7.38 -36.64
C HIS A 148 13.95 8.10 -37.74
N PHE A 149 12.83 8.72 -37.41
CA PHE A 149 12.06 9.49 -38.38
C PHE A 149 11.92 10.89 -37.83
N PRO A 150 12.83 11.78 -38.21
CA PRO A 150 12.78 13.12 -37.67
C PRO A 150 11.57 13.91 -38.14
N ILE A 151 11.21 14.93 -37.37
CA ILE A 151 10.11 15.81 -37.71
C ILE A 151 10.61 17.24 -37.85
N THR A 152 9.99 17.96 -38.78
CA THR A 152 10.23 19.38 -38.96
C THR A 152 8.84 20.02 -38.94
N ALA A 153 8.78 21.34 -38.79
CA ALA A 153 7.48 22.04 -38.78
C ALA A 153 6.57 21.56 -39.93
N ASP A 154 7.15 21.38 -41.11
CA ASP A 154 6.39 21.02 -42.32
C ASP A 154 6.02 19.52 -42.48
N THR A 155 6.85 18.61 -41.98
CA THR A 155 6.68 17.18 -42.31
C THR A 155 5.92 16.31 -41.30
N LYS A 156 5.05 16.92 -40.51
CA LYS A 156 4.28 16.17 -39.51
C LYS A 156 3.50 15.03 -40.19
N ALA A 157 2.74 15.36 -41.23
CA ALA A 157 1.93 14.36 -41.95
C ALA A 157 2.78 13.27 -42.63
N GLN A 158 3.90 13.68 -43.21
CA GLN A 158 4.81 12.76 -43.88
C GLN A 158 5.45 11.79 -42.88
N GLN A 159 5.89 12.32 -41.75
CA GLN A 159 6.58 11.51 -40.73
C GLN A 159 5.65 10.48 -40.10
N GLU A 160 4.39 10.86 -39.88
CA GLU A 160 3.40 9.90 -39.39
C GLU A 160 3.19 8.79 -40.40
N ALA A 161 3.14 9.14 -41.68
CA ALA A 161 2.92 8.12 -42.71
C ALA A 161 4.07 7.12 -42.68
N GLN A 162 5.28 7.60 -42.44
CA GLN A 162 6.45 6.73 -42.35
C GLN A 162 6.29 5.69 -41.23
N TRP A 163 6.03 6.12 -40.01
CA TRP A 163 5.96 5.12 -38.92
C TRP A 163 4.68 4.32 -38.93
N LEU A 164 3.59 4.91 -39.46
CA LEU A 164 2.36 4.14 -39.65
C LEU A 164 2.61 3.03 -40.67
N ASP A 165 3.50 3.28 -41.63
CA ASP A 165 3.91 2.25 -42.61
C ASP A 165 4.66 1.12 -41.91
N VAL A 166 5.55 1.49 -40.99
CA VAL A 166 6.30 0.48 -40.23
C VAL A 166 5.30 -0.31 -39.43
N PHE A 167 4.39 0.38 -38.78
CA PHE A 167 3.37 -0.30 -38.02
C PHE A 167 2.64 -1.35 -38.87
N GLU A 168 2.17 -0.97 -40.06
CA GLU A 168 1.41 -1.93 -40.87
C GLU A 168 2.28 -3.10 -41.35
N THR A 169 3.44 -2.79 -41.93
CA THR A 169 4.27 -3.84 -42.53
C THR A 169 4.86 -4.80 -41.49
N SER A 170 5.05 -4.32 -40.25
CA SER A 170 5.65 -5.15 -39.19
C SER A 170 4.68 -6.20 -38.60
N GLY A 171 3.38 -6.00 -38.80
CA GLY A 171 2.38 -6.90 -38.21
C GLY A 171 2.04 -6.59 -36.76
N ALA A 172 2.54 -5.47 -36.23
CA ALA A 172 2.25 -5.08 -34.87
C ALA A 172 0.76 -4.91 -34.68
N GLU A 173 0.29 -5.32 -33.52
CA GLU A 173 -1.11 -5.13 -33.19
C GLU A 173 -1.28 -4.13 -32.04
N LEU A 174 -0.17 -3.56 -31.56
CA LEU A 174 -0.17 -2.57 -30.48
C LEU A 174 0.98 -1.61 -30.64
N VAL A 175 0.68 -0.33 -30.57
CA VAL A 175 1.71 0.67 -30.53
C VAL A 175 1.76 1.21 -29.08
N ILE A 176 2.93 1.20 -28.49
CA ILE A 176 3.14 1.70 -27.13
C ILE A 176 3.86 3.05 -27.21
N LEU A 177 3.26 4.09 -26.67
CA LEU A 177 3.88 5.41 -26.67
C LEU A 177 4.66 5.57 -25.39
N ALA A 178 5.94 5.20 -25.43
CA ALA A 178 6.76 5.20 -24.23
C ALA A 178 7.37 6.58 -24.04
N ARG A 179 6.49 7.52 -23.66
CA ARG A 179 6.84 8.97 -23.59
C ARG A 179 7.27 9.49 -24.96
N TYR A 180 6.51 9.13 -25.98
CA TYR A 180 6.69 9.65 -27.31
C TYR A 180 6.05 11.00 -27.27
N MSE A 181 6.82 12.05 -27.43
CA MSE A 181 6.34 13.41 -27.16
C MSE A 181 5.89 14.20 -28.38
O MSE A 181 6.19 15.37 -28.49
CB MSE A 181 7.42 14.18 -26.41
CG MSE A 181 7.78 13.57 -25.06
SE MSE A 181 6.22 13.18 -23.99
CE MSE A 181 5.64 15.00 -23.55
N GLN A 182 5.17 13.56 -29.28
CA GLN A 182 4.57 14.24 -30.43
C GLN A 182 3.11 13.86 -30.43
N VAL A 183 2.23 14.82 -30.72
CA VAL A 183 0.78 14.55 -30.71
C VAL A 183 0.34 13.88 -31.99
N LEU A 184 -0.31 12.72 -31.88
CA LEU A 184 -0.76 12.01 -33.06
C LEU A 184 -1.95 12.73 -33.70
N SER A 185 -1.91 12.85 -35.01
CA SER A 185 -2.98 13.50 -35.73
C SER A 185 -4.27 12.71 -35.53
N PRO A 186 -5.43 13.32 -35.85
CA PRO A 186 -6.70 12.63 -35.80
C PRO A 186 -6.73 11.46 -36.78
N GLU A 187 -6.02 11.59 -37.89
CA GLU A 187 -5.92 10.50 -38.86
C GLU A 187 -5.17 9.31 -38.22
N ALA A 188 -4.00 9.60 -37.66
CA ALA A 188 -3.19 8.56 -37.00
C ALA A 188 -3.92 7.89 -35.81
N SER A 189 -4.62 8.66 -35.00
CA SER A 189 -5.36 8.09 -33.84
C SER A 189 -6.45 7.13 -34.28
N ALA A 190 -7.19 7.52 -35.32
CA ALA A 190 -8.26 6.70 -35.91
C ALA A 190 -7.75 5.38 -36.47
N ARG A 191 -6.62 5.42 -37.15
CA ARG A 191 -6.06 4.22 -37.72
C ARG A 191 -5.57 3.25 -36.63
N LEU A 192 -5.15 3.81 -35.48
CA LEU A 192 -4.66 3.02 -34.33
C LEU A 192 -5.68 2.91 -33.17
N ALA A 193 -6.96 3.16 -33.46
CA ALA A 193 -8.02 3.10 -32.43
C ALA A 193 -8.05 1.75 -31.74
N ASN A 194 -8.06 1.80 -30.40
CA ASN A 194 -8.00 0.62 -29.53
C ASN A 194 -6.70 -0.19 -29.67
N ARG A 195 -5.72 0.35 -30.38
CA ARG A 195 -4.45 -0.35 -30.62
CA ARG A 195 -4.43 -0.37 -30.53
C ARG A 195 -3.21 0.48 -30.22
N ALA A 196 -3.39 1.55 -29.42
CA ALA A 196 -2.27 2.38 -28.99
C ALA A 196 -2.47 2.82 -27.53
N ILE A 197 -1.41 2.65 -26.73
CA ILE A 197 -1.45 2.96 -25.32
C ILE A 197 -0.46 4.05 -25.03
N ASN A 198 -0.93 5.08 -24.33
CA ASN A 198 -0.13 6.21 -23.94
C ASN A 198 0.04 6.25 -22.41
N ILE A 199 1.10 6.90 -21.94
CA ILE A 199 1.33 7.07 -20.51
C ILE A 199 1.64 8.54 -20.26
N HIS A 200 1.11 9.09 -19.17
CA HIS A 200 1.49 10.44 -18.74
C HIS A 200 1.34 10.57 -17.24
N HIS A 201 1.98 11.59 -16.67
CA HIS A 201 1.89 11.85 -15.24
C HIS A 201 0.52 12.43 -14.86
N SER A 202 0.16 12.22 -13.60
CA SER A 202 -1.14 12.60 -13.06
C SER A 202 -0.96 13.15 -11.67
N PHE A 203 -1.67 14.22 -11.37
CA PHE A 203 -1.53 14.90 -10.10
C PHE A 203 -2.85 15.10 -9.42
N LEU A 204 -2.78 15.19 -8.09
CA LEU A 204 -3.90 15.53 -7.26
CA LEU A 204 -3.92 15.53 -7.24
C LEU A 204 -3.52 16.74 -6.41
N PRO A 205 -4.09 17.94 -6.71
CA PRO A 205 -5.00 18.28 -7.80
C PRO A 205 -4.23 18.31 -9.13
N GLY A 206 -4.95 18.50 -10.23
CA GLY A 206 -4.32 18.56 -11.55
C GLY A 206 -3.48 19.82 -11.70
N PHE A 207 -2.41 19.74 -12.48
CA PHE A 207 -1.59 20.92 -12.74
C PHE A 207 -1.41 21.07 -14.23
N LYS A 208 -1.78 22.23 -14.75
CA LYS A 208 -1.65 22.53 -16.17
C LYS A 208 -0.44 23.41 -16.43
N GLY A 209 0.06 23.36 -17.65
CA GLY A 209 1.15 24.23 -18.06
C GLY A 209 2.53 23.81 -17.63
N ALA A 210 3.43 24.79 -17.63
CA ALA A 210 4.84 24.53 -17.45
C ALA A 210 5.21 24.07 -16.03
N LYS A 211 6.23 23.22 -15.99
CA LYS A 211 6.85 22.81 -14.74
CA LYS A 211 6.85 22.78 -14.75
C LYS A 211 5.82 22.29 -13.71
N PRO A 212 5.05 21.26 -14.08
CA PRO A 212 4.02 20.75 -13.15
C PRO A 212 4.59 20.14 -11.88
N TYR A 213 5.81 19.60 -11.94
CA TYR A 213 6.44 19.08 -10.71
C TYR A 213 6.81 20.21 -9.75
N HIS A 214 7.17 21.39 -10.28
CA HIS A 214 7.39 22.57 -9.41
C HIS A 214 6.06 23.04 -8.84
N GLN A 215 5.00 23.02 -9.64
CA GLN A 215 3.68 23.38 -9.12
C GLN A 215 3.26 22.38 -8.05
N ALA A 216 3.50 21.11 -8.28
CA ALA A 216 3.15 20.04 -7.31
C ALA A 216 3.89 20.28 -5.99
N HIS A 217 5.18 20.59 -6.11
CA HIS A 217 6.00 20.94 -4.95
C HIS A 217 5.45 22.13 -4.19
N ALA A 218 5.13 23.23 -4.90
CA ALA A 218 4.64 24.44 -4.21
C ALA A 218 3.27 24.22 -3.57
N ARG A 219 2.49 23.32 -4.15
CA ARG A 219 1.21 23.00 -3.62
C ARG A 219 1.31 21.95 -2.44
N GLY A 220 2.48 21.36 -2.23
CA GLY A 220 2.71 20.41 -1.10
C GLY A 220 1.86 19.14 -1.18
N VAL A 221 1.78 18.58 -2.36
CA VAL A 221 1.00 17.38 -2.61
C VAL A 221 1.67 16.24 -1.84
N LYS A 222 0.90 15.24 -1.45
CA LYS A 222 1.49 14.09 -0.72
C LYS A 222 1.43 12.83 -1.57
N LEU A 223 1.00 12.98 -2.82
CA LEU A 223 0.88 11.86 -3.76
C LEU A 223 1.33 12.31 -5.13
N ILE A 224 1.88 11.38 -5.91
CA ILE A 224 2.29 11.60 -7.31
C ILE A 224 1.78 10.41 -8.10
N GLY A 225 1.14 10.65 -9.24
CA GLY A 225 0.53 9.54 -9.99
C GLY A 225 0.89 9.49 -11.47
N ALA A 226 0.32 8.49 -12.13
CA ALA A 226 0.40 8.38 -13.59
C ALA A 226 -0.83 7.61 -14.07
N THR A 227 -1.20 7.87 -15.34
CA THR A 227 -2.33 7.26 -16.01
C THR A 227 -1.95 6.72 -17.38
N ALA A 228 -2.25 5.43 -17.63
CA ALA A 228 -2.09 4.84 -18.95
C ALA A 228 -3.48 4.77 -19.58
N HIS A 229 -3.58 5.10 -20.85
CA HIS A 229 -4.87 5.16 -21.53
C HIS A 229 -4.73 4.86 -23.01
N PHE A 230 -5.83 4.46 -23.62
CA PHE A 230 -5.86 4.31 -25.06
C PHE A 230 -5.89 5.70 -25.68
N VAL A 231 -5.26 5.80 -26.84
CA VAL A 231 -5.10 7.03 -27.56
C VAL A 231 -6.33 7.41 -28.32
N THR A 232 -6.75 8.67 -28.16
CA THR A 232 -7.84 9.25 -28.97
C THR A 232 -7.40 10.61 -29.49
N ASP A 233 -8.31 11.32 -30.15
CA ASP A 233 -8.09 12.73 -30.60
C ASP A 233 -7.93 13.68 -29.42
N ASP A 234 -8.62 13.38 -28.32
N ASP A 234 -8.64 13.37 -28.33
CA ASP A 234 -8.61 14.23 -27.12
CA ASP A 234 -8.60 14.18 -27.11
C ASP A 234 -7.31 14.06 -26.33
C ASP A 234 -7.27 13.99 -26.39
N LEU A 235 -6.34 14.92 -26.65
CA LEU A 235 -4.98 14.90 -26.07
C LEU A 235 -4.83 14.48 -24.56
N ASP A 236 -4.21 13.29 -24.35
CA ASP A 236 -3.97 12.70 -23.01
C ASP A 236 -5.24 12.37 -22.20
N GLU A 237 -6.42 12.31 -22.84
CA GLU A 237 -7.68 12.10 -22.09
C GLU A 237 -8.59 10.92 -22.63
N GLY A 238 -7.99 9.96 -23.35
CA GLY A 238 -8.72 8.77 -23.85
C GLY A 238 -9.03 7.75 -22.76
N PRO A 239 -9.66 6.64 -23.12
CA PRO A 239 -10.10 5.68 -22.08
C PRO A 239 -8.99 5.18 -21.13
N ILE A 240 -9.23 5.33 -19.83
CA ILE A 240 -8.26 4.99 -18.83
C ILE A 240 -8.12 3.50 -18.69
N ILE A 241 -6.88 3.02 -18.75
CA ILE A 241 -6.59 1.59 -18.53
C ILE A 241 -6.14 1.33 -17.10
N GLU A 242 -5.17 2.15 -16.65
CA GLU A 242 -4.62 2.01 -15.32
C GLU A 242 -4.14 3.36 -14.75
N GLN A 243 -4.27 3.46 -13.43
CA GLN A 243 -3.81 4.61 -12.64
C GLN A 243 -3.11 4.07 -11.44
N VAL A 244 -1.96 4.68 -11.13
CA VAL A 244 -1.18 4.29 -9.99
C VAL A 244 -0.67 5.60 -9.34
N VAL A 245 -0.58 5.63 -8.01
CA VAL A 245 0.03 6.76 -7.30
C VAL A 245 1.06 6.25 -6.28
N GLU A 246 1.98 7.14 -5.91
CA GLU A 246 3.01 6.86 -4.90
CA GLU A 246 2.97 6.83 -4.91
C GLU A 246 3.05 8.00 -3.90
N ARG A 247 3.18 7.68 -2.64
CA ARG A 247 3.20 8.68 -1.59
C ARG A 247 4.54 9.40 -1.57
N VAL A 248 4.44 10.72 -1.41
CA VAL A 248 5.62 11.59 -1.27
C VAL A 248 5.34 12.52 -0.07
N ASP A 249 6.32 13.29 0.37
CA ASP A 249 6.12 14.23 1.47
C ASP A 249 6.87 15.55 1.23
N HIS A 250 6.86 16.40 2.24
CA HIS A 250 7.47 17.74 2.17
C HIS A 250 8.96 17.79 1.84
N SER A 251 9.67 16.68 2.05
CA SER A 251 11.11 16.62 1.85
C SER A 251 11.52 16.40 0.42
N TYR A 252 10.57 16.10 -0.46
CA TYR A 252 10.88 15.87 -1.85
C TYR A 252 10.92 17.20 -2.62
N ARG A 253 12.07 17.56 -3.15
CA ARG A 253 12.16 18.77 -3.99
CA ARG A 253 12.16 18.77 -3.99
C ARG A 253 11.59 18.44 -5.38
N PRO A 254 11.32 19.47 -6.19
CA PRO A 254 10.72 19.21 -7.50
C PRO A 254 11.38 18.10 -8.32
N GLU A 255 12.70 18.06 -8.34
CA GLU A 255 13.45 17.03 -9.08
CA GLU A 255 13.39 17.02 -9.14
C GLU A 255 13.21 15.64 -8.51
N GLN A 256 12.95 15.58 -7.21
CA GLN A 256 12.72 14.30 -6.58
C GLN A 256 11.29 13.81 -6.85
N LEU A 257 10.34 14.75 -6.91
CA LEU A 257 8.97 14.42 -7.31
C LEU A 257 8.97 13.91 -8.78
N LEU A 258 9.75 14.56 -9.62
CA LEU A 258 9.93 14.15 -11.03
C LEU A 258 10.43 12.73 -11.08
N ALA A 259 11.47 12.42 -10.30
CA ALA A 259 11.96 11.03 -10.27
C ALA A 259 10.81 10.05 -9.86
N VAL A 260 10.00 10.42 -8.89
CA VAL A 260 8.91 9.54 -8.45
C VAL A 260 7.90 9.37 -9.56
N GLY A 261 7.52 10.50 -10.18
CA GLY A 261 6.57 10.44 -11.30
C GLY A 261 7.04 9.53 -12.45
N ARG A 262 8.31 9.64 -12.81
CA ARG A 262 8.84 8.79 -13.88
C ARG A 262 8.78 7.29 -13.47
N ASP A 263 9.07 6.97 -12.21
CA ASP A 263 8.96 5.60 -11.71
CA ASP A 263 8.97 5.60 -11.74
C ASP A 263 7.50 5.12 -11.83
N VAL A 264 6.56 5.99 -11.44
CA VAL A 264 5.13 5.60 -11.45
C VAL A 264 4.66 5.43 -12.89
N GLU A 265 5.18 6.26 -13.81
CA GLU A 265 4.88 6.09 -15.24
C GLU A 265 5.32 4.72 -15.70
N CYS A 266 6.52 4.31 -15.29
CA CYS A 266 7.03 2.99 -15.68
C CYS A 266 6.08 1.87 -15.26
N ILE A 267 5.73 1.84 -13.98
CA ILE A 267 4.90 0.76 -13.43
C ILE A 267 3.50 0.78 -14.02
N THR A 268 2.95 1.96 -14.21
CA THR A 268 1.60 2.12 -14.76
C THR A 268 1.53 1.66 -16.21
N LEU A 269 2.54 2.01 -17.00
CA LEU A 269 2.58 1.60 -18.41
C LEU A 269 2.76 0.08 -18.53
N ALA A 270 3.68 -0.47 -17.73
CA ALA A 270 3.93 -1.91 -17.75
C ALA A 270 2.69 -2.70 -17.39
N ARG A 271 1.91 -2.20 -16.42
CA ARG A 271 0.67 -2.84 -16.02
C ARG A 271 -0.34 -2.84 -17.12
N ALA A 272 -0.46 -1.73 -17.83
CA ALA A 272 -1.41 -1.60 -18.93
C ALA A 272 -1.04 -2.49 -20.13
N VAL A 273 0.23 -2.48 -20.49
CA VAL A 273 0.72 -3.27 -21.60
C VAL A 273 0.52 -4.75 -21.27
N LYS A 274 0.82 -5.13 -20.04
CA LYS A 274 0.64 -6.51 -19.63
C LYS A 274 -0.86 -6.94 -19.77
N ALA A 275 -1.77 -6.06 -19.33
CA ALA A 275 -3.20 -6.39 -19.41
C ALA A 275 -3.59 -6.53 -20.89
N PHE A 276 -3.07 -5.67 -21.75
CA PHE A 276 -3.36 -5.75 -23.15
C PHE A 276 -2.89 -7.09 -23.77
N ILE A 277 -1.65 -7.48 -23.50
CA ILE A 277 -1.12 -8.69 -24.16
C ILE A 277 -1.68 -9.96 -23.53
N GLU A 278 -2.19 -9.87 -22.30
CA GLU A 278 -2.91 -10.99 -21.68
C GLU A 278 -4.42 -10.99 -22.03
N ARG A 279 -4.82 -10.09 -22.91
CA ARG A 279 -6.22 -10.02 -23.36
C ARG A 279 -7.18 -9.78 -22.17
N ARG A 280 -6.83 -8.84 -21.31
CA ARG A 280 -7.64 -8.57 -20.12
C ARG A 280 -8.29 -7.19 -20.15
N VAL A 281 -8.06 -6.41 -21.21
CA VAL A 281 -8.63 -5.07 -21.25
CA VAL A 281 -8.57 -5.04 -21.32
C VAL A 281 -9.55 -4.91 -22.47
N PHE A 282 -10.72 -4.36 -22.20
CA PHE A 282 -11.76 -4.15 -23.18
C PHE A 282 -12.16 -2.70 -23.20
N LEU A 283 -12.48 -2.19 -24.37
CA LEU A 283 -13.04 -0.86 -24.43
C LEU A 283 -14.49 -0.94 -24.04
N ASN A 284 -14.93 0.08 -23.30
CA ASN A 284 -16.32 0.24 -22.89
C ASN A 284 -16.69 1.74 -23.04
N GLY A 285 -16.78 2.18 -24.29
CA GLY A 285 -17.07 3.61 -24.60
C GLY A 285 -15.93 4.51 -24.20
N ASP A 286 -16.17 5.43 -23.28
CA ASP A 286 -15.13 6.33 -22.77
C ASP A 286 -14.30 5.74 -21.65
N ARG A 287 -14.57 4.51 -21.27
CA ARG A 287 -13.83 3.85 -20.20
C ARG A 287 -13.39 2.43 -20.61
N THR A 288 -12.76 1.71 -19.68
CA THR A 288 -12.36 0.36 -19.93
C THR A 288 -12.83 -0.59 -18.87
N VAL A 289 -12.84 -1.85 -19.24
CA VAL A 289 -13.08 -2.97 -18.32
C VAL A 289 -11.72 -3.69 -18.31
N VAL A 290 -11.15 -3.88 -17.14
CA VAL A 290 -9.87 -4.56 -16.99
C VAL A 290 -10.05 -5.72 -16.04
N PHE A 291 -9.99 -6.95 -16.55
CA PHE A 291 -10.12 -8.10 -15.70
C PHE A 291 -8.79 -8.39 -15.08
N GLN A 292 -8.84 -9.02 -13.92
CA GLN A 292 -7.63 -9.37 -13.20
C GLN A 292 -7.13 -10.71 -13.67
N HIS B 9 6.33 12.36 32.79
CA HIS B 9 5.51 13.58 32.50
C HIS B 9 6.16 14.30 31.33
N GLN B 10 5.62 14.13 30.12
CA GLN B 10 6.24 14.70 28.89
C GLN B 10 5.65 16.00 28.40
N PHE B 11 6.48 16.66 27.59
CA PHE B 11 6.18 17.91 26.97
C PHE B 11 6.68 17.82 25.53
N VAL B 12 6.05 18.59 24.62
CA VAL B 12 6.49 18.58 23.24
C VAL B 12 6.73 20.03 22.77
N LEU B 13 7.95 20.25 22.27
CA LEU B 13 8.38 21.51 21.70
C LEU B 13 8.25 21.46 20.21
N THR B 14 7.58 22.45 19.64
CA THR B 14 7.56 22.57 18.22
C THR B 14 7.98 24.01 17.88
N LEU B 15 8.64 24.19 16.77
CA LEU B 15 9.03 25.50 16.37
C LEU B 15 9.35 25.54 14.89
N SER B 16 9.14 26.69 14.30
CA SER B 16 9.62 26.96 12.93
C SER B 16 10.23 28.36 12.92
N CYS B 17 11.20 28.54 12.03
CA CYS B 17 11.88 29.79 11.89
C CYS B 17 12.64 29.88 10.58
N PRO B 18 13.02 31.09 10.21
CA PRO B 18 13.89 31.26 9.07
C PRO B 18 15.21 30.48 9.38
N SER B 19 15.70 29.68 8.42
CA SER B 19 16.90 28.87 8.68
CA SER B 19 16.91 28.89 8.58
C SER B 19 18.11 29.78 8.87
N ALA B 20 18.89 29.48 9.90
CA ALA B 20 20.05 30.31 10.25
C ALA B 20 21.00 29.52 11.11
N ALA B 21 22.28 29.85 11.05
CA ALA B 21 23.30 29.17 11.82
C ALA B 21 23.06 29.30 13.32
N GLY B 22 23.21 28.17 14.03
CA GLY B 22 23.15 28.17 15.49
C GLY B 22 21.84 27.79 16.11
N GLN B 23 20.82 27.56 15.26
CA GLN B 23 19.48 27.24 15.71
CA GLN B 23 19.48 27.24 15.69
C GLN B 23 19.42 25.91 16.46
N VAL B 24 20.07 24.89 15.92
CA VAL B 24 20.04 23.58 16.58
C VAL B 24 20.82 23.65 17.90
N ALA B 25 22.00 24.24 17.83
CA ALA B 25 22.83 24.41 19.02
C ALA B 25 22.08 25.18 20.11
N ALA B 26 21.28 26.17 19.71
CA ALA B 26 20.55 26.99 20.67
C ALA B 26 19.49 26.15 21.36
N VAL B 27 18.81 25.32 20.58
CA VAL B 27 17.71 24.52 21.08
C VAL B 27 18.17 23.35 21.93
N VAL B 28 19.07 22.53 21.40
CA VAL B 28 19.60 21.38 22.16
C VAL B 28 20.41 21.88 23.37
N GLY B 29 21.05 23.02 23.20
CA GLY B 29 21.84 23.59 24.27
C GLY B 29 20.96 23.92 25.47
N LEU B 30 19.75 24.36 25.17
CA LEU B 30 18.77 24.73 26.18
CA LEU B 30 18.81 24.74 26.20
C LEU B 30 18.24 23.49 26.88
N LEU B 31 17.85 22.50 26.07
CA LEU B 31 17.35 21.24 26.61
C LEU B 31 18.37 20.61 27.54
N ASP B 32 19.65 20.63 27.13
CA ASP B 32 20.74 20.11 27.96
C ASP B 32 20.87 20.90 29.24
N ARG B 33 20.80 22.23 29.12
CA ARG B 33 20.93 23.08 30.28
C ARG B 33 19.89 22.73 31.33
N HIS B 34 18.67 22.40 30.89
CA HIS B 34 17.60 22.04 31.81
C HIS B 34 17.45 20.53 32.01
N ARG B 35 18.50 19.79 31.68
CA ARG B 35 18.56 18.34 31.92
C ARG B 35 17.33 17.58 31.40
N CYS B 36 16.90 17.91 30.20
CA CYS B 36 15.73 17.25 29.64
C CYS B 36 16.09 16.02 28.83
N TYR B 37 15.46 14.88 29.15
CA TYR B 37 15.68 13.68 28.36
C TYR B 37 14.80 13.78 27.12
N VAL B 38 15.42 13.64 25.94
CA VAL B 38 14.69 13.72 24.65
C VAL B 38 14.07 12.38 24.21
N ASP B 39 12.73 12.26 24.32
CA ASP B 39 12.00 11.04 23.94
C ASP B 39 11.82 10.91 22.43
N GLU B 40 11.53 12.04 21.75
CA GLU B 40 11.46 12.07 20.28
C GLU B 40 12.06 13.38 19.76
N LEU B 41 12.65 13.29 18.58
CA LEU B 41 13.21 14.46 17.91
C LEU B 41 13.10 14.28 16.42
N THR B 42 12.69 15.36 15.76
CA THR B 42 12.58 15.40 14.32
C THR B 42 12.81 16.85 13.90
N VAL B 43 13.71 17.01 12.93
CA VAL B 43 14.12 18.27 12.39
CA VAL B 43 14.00 18.32 12.38
C VAL B 43 13.97 18.23 10.87
N PHE B 44 13.57 19.35 10.25
CA PHE B 44 13.51 19.45 8.79
C PHE B 44 13.90 20.85 8.38
N ASP B 45 14.78 20.93 7.38
CA ASP B 45 15.25 22.20 6.83
C ASP B 45 14.84 22.31 5.37
N ASP B 46 14.02 23.33 5.07
CA ASP B 46 13.51 23.53 3.73
C ASP B 46 14.35 24.59 3.04
N ASP B 47 15.29 24.15 2.21
CA ASP B 47 16.18 25.10 1.53
C ASP B 47 15.46 26.00 0.51
N LEU B 48 14.27 25.60 0.05
CA LEU B 48 13.52 26.41 -0.93
C LEU B 48 12.69 27.51 -0.27
N SER B 49 12.05 27.21 0.86
CA SER B 49 11.37 28.27 1.63
C SER B 49 12.32 28.89 2.64
N ALA B 50 13.50 28.29 2.82
CA ALA B 50 14.52 28.80 3.79
C ALA B 50 13.93 28.83 5.21
N ARG B 51 13.29 27.73 5.58
CA ARG B 51 12.58 27.60 6.83
C ARG B 51 13.02 26.29 7.52
N PHE B 52 13.14 26.37 8.85
CA PHE B 52 13.60 25.26 9.69
C PHE B 52 12.50 24.88 10.67
N PHE B 53 12.33 23.57 10.85
CA PHE B 53 11.26 23.02 11.66
C PHE B 53 11.82 22.00 12.67
N VAL B 54 11.30 22.04 13.90
CA VAL B 54 11.68 21.09 14.93
C VAL B 54 10.49 20.63 15.75
N ARG B 55 10.41 19.31 15.97
CA ARG B 55 9.48 18.75 16.94
C ARG B 55 10.34 17.94 17.94
N CYS B 56 10.20 18.25 19.23
CA CYS B 56 10.96 17.55 20.26
C CYS B 56 10.05 17.21 21.46
N VAL B 57 9.96 15.92 21.77
CA VAL B 57 9.24 15.42 22.95
C VAL B 57 10.30 15.08 24.00
N PHE B 58 10.08 15.55 25.23
CA PHE B 58 11.05 15.40 26.25
C PHE B 58 10.41 15.36 27.59
N HIS B 59 11.21 15.07 28.60
CA HIS B 59 10.77 15.14 29.99
C HIS B 59 11.98 15.45 30.86
N ALA B 60 11.72 15.97 32.05
CA ALA B 60 12.77 16.41 32.95
C ALA B 60 13.32 15.26 33.77
N THR B 61 14.62 15.32 34.08
CA THR B 61 15.29 14.35 34.93
C THR B 61 15.86 15.09 36.13
N LEU B 67 9.85 22.02 38.35
CA LEU B 67 10.44 23.36 38.29
C LEU B 67 11.21 23.63 36.98
N ARG B 68 11.81 22.60 36.39
CA ARG B 68 12.70 22.77 35.23
C ARG B 68 12.02 23.19 33.91
N VAL B 69 10.81 22.69 33.65
CA VAL B 69 10.12 23.01 32.38
C VAL B 69 9.67 24.47 32.32
N ASP B 70 9.24 25.02 33.45
CA ASP B 70 8.83 26.43 33.50
C ASP B 70 10.03 27.35 33.24
N ALA B 71 11.19 26.93 33.75
CA ALA B 71 12.41 27.70 33.56
C ALA B 71 12.85 27.64 32.10
N LEU B 72 12.68 26.45 31.49
CA LEU B 72 13.00 26.27 30.08
C LEU B 72 12.11 27.15 29.21
N ARG B 73 10.83 27.19 29.55
CA ARG B 73 9.87 28.01 28.79
CA ARG B 73 9.87 27.98 28.81
C ARG B 73 10.26 29.48 28.85
N ARG B 74 10.59 29.98 30.03
CA ARG B 74 10.98 31.39 30.16
CA ARG B 74 10.98 31.38 30.18
C ARG B 74 12.27 31.68 29.40
N GLU B 75 13.24 30.77 29.49
CA GLU B 75 14.54 31.00 28.83
C GLU B 75 14.49 30.80 27.33
N PHE B 76 13.43 30.15 26.86
CA PHE B 76 13.27 29.97 25.46
C PHE B 76 12.93 31.30 24.76
N GLU B 77 12.32 32.24 25.49
CA GLU B 77 11.87 33.53 24.91
CA GLU B 77 11.85 33.51 24.91
C GLU B 77 12.96 34.29 24.16
N PRO B 78 14.13 34.51 24.80
CA PRO B 78 15.14 35.28 24.06
C PRO B 78 15.72 34.56 22.84
N ILE B 79 15.80 33.23 22.90
CA ILE B 79 16.26 32.42 21.77
C ILE B 79 15.25 32.55 20.64
N ALA B 80 13.97 32.48 20.99
CA ALA B 80 12.92 32.66 20.01
C ALA B 80 13.00 34.04 19.33
N GLU B 81 13.30 35.09 20.12
CA GLU B 81 13.42 36.43 19.58
CA GLU B 81 13.41 36.44 19.57
C GLU B 81 14.62 36.53 18.66
N ARG B 82 15.73 35.95 19.07
CA ARG B 82 16.95 36.01 18.28
CA ARG B 82 16.96 35.96 18.29
C ARG B 82 16.77 35.36 16.90
N PHE B 83 16.13 34.19 16.84
CA PHE B 83 15.94 33.47 15.58
C PHE B 83 14.58 33.68 14.92
N ARG B 84 13.73 34.50 15.52
CA ARG B 84 12.39 34.76 15.01
C ARG B 84 11.61 33.46 14.89
N MSE B 85 11.64 32.68 15.94
CA MSE B 85 10.95 31.43 15.94
C MSE B 85 9.52 31.52 16.44
O MSE B 85 9.26 32.22 17.43
CB MSE B 85 11.65 30.47 16.91
CG MSE B 85 13.03 30.09 16.55
SE MSE B 85 13.71 29.12 18.09
CE MSE B 85 15.51 28.73 17.46
N GLN B 86 8.60 30.87 15.74
CA GLN B 86 7.27 30.70 16.30
CA GLN B 86 7.25 30.69 16.26
C GLN B 86 7.33 29.32 16.92
N TRP B 87 6.90 29.21 18.17
CA TRP B 87 7.07 27.98 18.89
C TRP B 87 5.98 27.75 19.90
N ALA B 88 6.00 26.55 20.46
CA ALA B 88 5.07 26.17 21.49
C ALA B 88 5.63 25.04 22.28
N ILE B 89 5.32 25.00 23.57
CA ILE B 89 5.62 23.83 24.38
C ILE B 89 4.29 23.38 25.02
N HIS B 90 3.86 22.16 24.70
CA HIS B 90 2.61 21.63 25.25
C HIS B 90 2.86 20.48 26.18
N ASP B 91 2.03 20.39 27.23
CA ASP B 91 2.02 19.20 28.08
C ASP B 91 1.38 18.07 27.24
N VAL B 92 2.13 16.98 27.06
CA VAL B 92 1.63 15.83 26.31
C VAL B 92 0.33 15.22 26.91
N ALA B 93 0.15 15.34 28.22
CA ALA B 93 -1.05 14.80 28.89
C ALA B 93 -2.26 15.71 28.67
N ALA B 94 -2.05 16.96 28.29
CA ALA B 94 -3.18 17.83 28.03
C ALA B 94 -3.84 17.34 26.75
N ARG B 95 -5.15 17.41 26.71
CA ARG B 95 -5.85 16.95 25.52
C ARG B 95 -6.32 18.18 24.80
N PRO B 96 -5.84 18.41 23.58
CA PRO B 96 -6.27 19.61 22.89
C PRO B 96 -7.77 19.69 22.80
N LYS B 97 -8.31 20.90 22.97
CA LYS B 97 -9.75 21.12 22.86
C LYS B 97 -10.15 21.34 21.38
N VAL B 98 -11.11 20.55 20.92
CA VAL B 98 -11.60 20.66 19.55
C VAL B 98 -13.10 20.84 19.53
N LEU B 99 -13.57 21.54 18.50
CA LEU B 99 -14.97 21.69 18.16
C LEU B 99 -15.19 21.01 16.82
N ILE B 100 -16.21 20.16 16.71
CA ILE B 100 -16.50 19.44 15.48
C ILE B 100 -17.77 19.97 14.87
N MSE B 101 -17.70 20.35 13.62
CA MSE B 101 -18.85 20.83 12.87
CA MSE B 101 -18.88 20.79 12.93
C MSE B 101 -19.35 19.72 11.95
O MSE B 101 -18.55 19.03 11.33
CB MSE B 101 -18.49 22.05 12.01
CB MSE B 101 -18.60 22.12 12.23
CG MSE B 101 -17.88 23.20 12.75
CG MSE B 101 -17.87 23.09 13.11
SE MSE B 101 -19.20 24.26 13.66
SE MSE B 101 -18.04 24.86 12.47
CE MSE B 101 -20.10 25.03 12.11
CE MSE B 101 -19.92 25.07 12.99
N VAL B 102 -20.66 19.60 11.82
CA VAL B 102 -21.27 18.58 10.99
C VAL B 102 -22.61 19.09 10.43
N SER B 103 -23.02 18.49 9.31
CA SER B 103 -24.27 18.79 8.64
C SER B 103 -25.18 17.52 8.68
N LYS B 104 -25.56 16.96 7.53
CA LYS B 104 -26.43 15.77 7.51
C LYS B 104 -25.74 14.45 7.18
N LEU B 105 -24.44 14.48 6.92
CA LEU B 105 -23.65 13.28 6.59
C LEU B 105 -22.88 12.87 7.84
N GLU B 106 -23.16 11.65 8.30
CA GLU B 106 -22.66 11.14 9.54
C GLU B 106 -21.23 10.59 9.54
N HIS B 107 -20.74 10.17 8.36
CA HIS B 107 -19.59 9.26 8.35
C HIS B 107 -18.34 9.80 9.04
N CYS B 108 -17.91 11.02 8.72
CA CYS B 108 -16.69 11.55 9.35
C CYS B 108 -16.83 11.76 10.87
N LEU B 109 -17.95 12.34 11.26
CA LEU B 109 -18.23 12.55 12.67
C LEU B 109 -18.22 11.20 13.47
N ALA B 110 -18.98 10.21 12.98
CA ALA B 110 -19.05 8.91 13.64
C ALA B 110 -17.64 8.29 13.74
N ASP B 111 -16.84 8.40 12.66
CA ASP B 111 -15.51 7.85 12.65
C ASP B 111 -14.66 8.51 13.71
N LEU B 112 -14.67 9.83 13.76
CA LEU B 112 -13.85 10.57 14.78
C LEU B 112 -14.26 10.24 16.20
N LEU B 113 -15.58 10.17 16.44
CA LEU B 113 -16.07 9.84 17.77
C LEU B 113 -15.63 8.41 18.21
N PHE B 114 -15.62 7.45 17.30
CA PHE B 114 -15.17 6.12 17.63
C PHE B 114 -13.68 6.12 17.96
N ARG B 115 -12.87 6.74 17.10
CA ARG B 115 -11.43 6.86 17.37
C ARG B 115 -11.16 7.60 18.71
N TRP B 116 -11.99 8.59 19.02
CA TRP B 116 -11.92 9.29 20.31
C TRP B 116 -12.32 8.39 21.46
N LYS B 117 -13.42 7.65 21.28
CA LYS B 117 -13.93 6.73 22.31
C LYS B 117 -12.89 5.69 22.68
N MSE B 118 -12.25 5.14 21.66
CA MSE B 118 -11.30 4.06 21.85
C MSE B 118 -9.88 4.53 22.27
O MSE B 118 -9.00 3.74 22.45
CB MSE B 118 -11.22 3.20 20.55
CG MSE B 118 -12.57 2.47 20.19
SE MSE B 118 -13.39 1.59 21.64
CE MSE B 118 -12.27 0.02 21.77
N GLY B 119 -9.67 5.85 22.42
CA GLY B 119 -8.37 6.35 22.85
C GLY B 119 -7.35 6.59 21.74
N GLU B 120 -7.75 6.51 20.49
CA GLU B 120 -6.78 6.75 19.42
C GLU B 120 -6.54 8.24 19.25
N LEU B 121 -7.60 9.04 19.35
CA LEU B 121 -7.48 10.49 19.23
C LEU B 121 -7.66 11.10 20.62
N LYS B 122 -6.55 11.57 21.18
CA LYS B 122 -6.53 12.09 22.52
C LYS B 122 -6.79 13.58 22.48
N MSE B 123 -8.07 13.91 22.48
CA MSE B 123 -8.53 15.27 22.42
C MSE B 123 -9.79 15.38 23.22
O MSE B 123 -10.46 14.35 23.50
CB MSE B 123 -8.80 15.66 20.95
CG MSE B 123 -9.89 14.86 20.27
SE MSE B 123 -9.81 15.06 18.34
CE MSE B 123 -11.51 14.18 17.91
N ASP B 124 -10.09 16.60 23.65
CA ASP B 124 -11.31 16.89 24.39
CA ASP B 124 -11.27 16.93 24.40
C ASP B 124 -12.26 17.54 23.41
N ILE B 125 -13.41 16.91 23.18
CA ILE B 125 -14.38 17.45 22.25
C ILE B 125 -15.26 18.37 23.05
N VAL B 126 -15.11 19.68 22.83
CA VAL B 126 -15.85 20.65 23.67
C VAL B 126 -17.30 20.71 23.24
N GLY B 127 -17.56 20.29 22.02
CA GLY B 127 -18.91 20.30 21.48
C GLY B 127 -18.99 19.94 20.02
N ILE B 128 -20.20 19.58 19.60
CA ILE B 128 -20.52 19.29 18.22
C ILE B 128 -21.56 20.30 17.81
N VAL B 129 -21.31 21.00 16.73
CA VAL B 129 -22.20 22.08 16.27
C VAL B 129 -22.68 21.76 14.88
N SER B 130 -23.93 22.08 14.58
CA SER B 130 -24.50 21.75 13.27
C SER B 130 -25.56 22.70 12.80
N ASN B 131 -25.72 22.75 11.48
CA ASN B 131 -26.81 23.50 10.85
C ASN B 131 -28.07 22.63 10.74
N HIS B 132 -27.93 21.36 11.09
CA HIS B 132 -29.05 20.45 11.13
C HIS B 132 -29.13 19.75 12.50
N PRO B 133 -30.33 19.26 12.87
CA PRO B 133 -30.53 18.62 14.16
C PRO B 133 -30.20 17.15 14.16
N ASP B 134 -29.95 16.59 12.98
CA ASP B 134 -29.80 15.14 12.77
C ASP B 134 -28.94 14.40 13.79
N PHE B 135 -27.77 14.92 14.14
CA PHE B 135 -26.83 14.17 15.01
C PHE B 135 -26.85 14.54 16.48
N ALA B 136 -27.93 15.17 16.93
CA ALA B 136 -28.12 15.36 18.35
C ALA B 136 -28.03 14.00 19.11
N PRO B 137 -28.68 12.95 18.59
CA PRO B 137 -28.65 11.67 19.33
C PRO B 137 -27.26 11.03 19.35
N LEU B 138 -26.53 11.17 18.25
CA LEU B 138 -25.14 10.66 18.21
C LEU B 138 -24.32 11.39 19.26
N ALA B 139 -24.46 12.71 19.35
CA ALA B 139 -23.75 13.47 20.34
C ALA B 139 -24.16 13.06 21.73
N ALA B 140 -25.46 12.73 21.90
CA ALA B 140 -25.97 12.28 23.18
C ALA B 140 -25.42 10.88 23.49
N GLN B 141 -25.49 9.96 22.53
CA GLN B 141 -24.96 8.61 22.78
C GLN B 141 -23.51 8.70 23.34
N HIS B 142 -22.80 9.82 23.10
CA HIS B 142 -21.39 10.03 23.58
C HIS B 142 -21.22 11.04 24.66
N GLY B 143 -22.33 11.54 25.22
CA GLY B 143 -22.27 12.53 26.28
C GLY B 143 -21.65 13.84 25.87
N LEU B 144 -21.82 14.22 24.60
CA LEU B 144 -21.21 15.45 24.15
C LEU B 144 -22.24 16.52 23.89
N PRO B 145 -21.92 17.77 24.23
CA PRO B 145 -22.79 18.90 23.93
C PRO B 145 -23.01 19.04 22.43
N PHE B 146 -24.27 19.28 22.04
CA PHE B 146 -24.66 19.47 20.67
C PHE B 146 -25.37 20.82 20.54
N ARG B 147 -24.95 21.66 19.58
CA ARG B 147 -25.67 22.92 19.37
CA ARG B 147 -25.59 22.94 19.36
C ARG B 147 -26.15 22.95 17.95
N HIS B 148 -27.43 23.23 17.80
CA HIS B 148 -28.06 23.32 16.48
C HIS B 148 -28.27 24.78 16.15
N PHE B 149 -27.61 25.24 15.09
CA PHE B 149 -27.81 26.62 14.62
C PHE B 149 -28.27 26.60 13.17
N PRO B 150 -29.58 26.56 12.93
CA PRO B 150 -30.09 26.55 11.55
C PRO B 150 -29.73 27.82 10.76
N ILE B 151 -29.78 27.69 9.44
CA ILE B 151 -29.49 28.78 8.53
C ILE B 151 -30.66 29.03 7.61
N THR B 152 -30.99 30.31 7.41
CA THR B 152 -32.01 30.73 6.42
C THR B 152 -31.31 31.70 5.44
N ALA B 153 -32.03 32.05 4.37
CA ALA B 153 -31.45 32.94 3.34
C ALA B 153 -30.97 34.26 3.94
N ASP B 154 -31.78 34.84 4.82
CA ASP B 154 -31.46 36.13 5.42
C ASP B 154 -30.63 36.05 6.71
N THR B 155 -29.99 34.92 7.01
CA THR B 155 -29.25 34.82 8.27
C THR B 155 -27.94 34.00 8.19
N LYS B 156 -27.25 34.09 7.06
CA LYS B 156 -25.96 33.38 6.90
C LYS B 156 -24.82 33.98 7.76
N ALA B 157 -24.69 35.31 7.80
CA ALA B 157 -23.66 35.95 8.64
C ALA B 157 -23.98 35.80 10.15
N GLN B 158 -25.26 35.86 10.50
CA GLN B 158 -25.67 35.75 11.91
C GLN B 158 -25.44 34.33 12.43
N GLN B 159 -25.73 33.34 11.60
CA GLN B 159 -25.55 31.94 12.03
C GLN B 159 -24.04 31.67 12.22
N GLU B 160 -23.18 32.18 11.33
CA GLU B 160 -21.73 32.02 11.50
C GLU B 160 -21.26 32.62 12.81
N ALA B 161 -21.74 33.82 13.13
CA ALA B 161 -21.32 34.48 14.34
C ALA B 161 -21.70 33.62 15.55
N GLN B 162 -22.84 32.94 15.45
CA GLN B 162 -23.30 32.09 16.55
C GLN B 162 -22.30 30.98 16.84
N TRP B 163 -21.89 30.24 15.81
CA TRP B 163 -20.96 29.14 16.10
C TRP B 163 -19.54 29.62 16.34
N LEU B 164 -19.16 30.76 15.76
CA LEU B 164 -17.85 31.33 16.01
C LEU B 164 -17.79 31.78 17.46
N ASP B 165 -18.93 32.25 18.01
CA ASP B 165 -19.01 32.60 19.44
C ASP B 165 -18.78 31.37 20.31
N VAL B 166 -19.45 30.28 19.98
CA VAL B 166 -19.27 29.03 20.72
C VAL B 166 -17.82 28.58 20.62
N PHE B 167 -17.22 28.73 19.44
CA PHE B 167 -15.81 28.40 19.28
C PHE B 167 -14.94 29.19 20.26
N GLU B 168 -15.13 30.51 20.33
CA GLU B 168 -14.30 31.32 21.24
C GLU B 168 -14.51 30.98 22.71
N THR B 169 -15.76 30.91 23.14
CA THR B 169 -16.04 30.74 24.55
C THR B 169 -15.67 29.35 25.04
N SER B 170 -15.68 28.36 24.14
CA SER B 170 -15.37 26.97 24.51
C SER B 170 -13.87 26.72 24.80
N GLY B 171 -13.00 27.61 24.36
CA GLY B 171 -11.56 27.39 24.52
C GLY B 171 -10.96 26.43 23.47
N ALA B 172 -11.76 26.00 22.49
CA ALA B 172 -11.26 25.12 21.44
C ALA B 172 -10.10 25.77 20.70
N GLU B 173 -9.12 24.98 20.35
CA GLU B 173 -8.03 25.49 19.53
C GLU B 173 -8.12 25.01 18.08
N LEU B 174 -9.06 24.11 17.80
CA LEU B 174 -9.19 23.53 16.45
C LEU B 174 -10.63 23.31 16.12
N VAL B 175 -11.01 23.59 14.90
CA VAL B 175 -12.36 23.30 14.42
C VAL B 175 -12.21 22.23 13.39
N ILE B 176 -12.87 21.11 13.59
CA ILE B 176 -12.88 20.06 12.61
C ILE B 176 -14.19 20.15 11.82
N LEU B 177 -14.05 20.34 10.52
CA LEU B 177 -15.19 20.38 9.64
CA LEU B 177 -15.19 20.38 9.64
C LEU B 177 -15.41 18.97 9.13
N ALA B 178 -16.22 18.21 9.88
CA ALA B 178 -16.48 16.82 9.52
C ALA B 178 -17.60 16.76 8.51
N ARG B 179 -17.29 17.14 7.28
CA ARG B 179 -18.27 17.30 6.17
C ARG B 179 -19.33 18.33 6.55
N TYR B 180 -18.87 19.46 7.11
CA TYR B 180 -19.78 20.58 7.33
C TYR B 180 -20.04 21.18 5.98
N MSE B 181 -21.31 21.24 5.54
CA MSE B 181 -21.57 21.51 4.12
C MSE B 181 -21.88 22.97 3.75
O MSE B 181 -22.23 23.24 2.61
CB MSE B 181 -22.63 20.54 3.55
CG MSE B 181 -22.16 19.07 3.54
SE MSE B 181 -20.42 19.01 2.63
CE MSE B 181 -21.03 19.48 0.87
N GLN B 182 -21.72 23.90 4.68
CA GLN B 182 -21.95 25.31 4.38
C GLN B 182 -20.61 25.98 4.06
N VAL B 183 -20.58 26.74 2.97
CA VAL B 183 -19.35 27.46 2.63
C VAL B 183 -19.04 28.51 3.70
N LEU B 184 -17.81 28.54 4.21
CA LEU B 184 -17.42 29.53 5.21
CA LEU B 184 -17.45 29.54 5.21
C LEU B 184 -17.14 30.86 4.52
N SER B 185 -17.65 31.96 5.07
CA SER B 185 -17.40 33.29 4.53
C SER B 185 -15.88 33.61 4.57
N PRO B 186 -15.43 34.58 3.75
CA PRO B 186 -14.03 35.02 3.82
C PRO B 186 -13.64 35.43 5.24
N GLU B 187 -14.51 36.17 5.94
CA GLU B 187 -14.23 36.56 7.33
C GLU B 187 -14.15 35.34 8.27
N ALA B 188 -15.05 34.39 8.15
CA ALA B 188 -14.94 33.16 8.97
C ALA B 188 -13.62 32.42 8.66
N SER B 189 -13.31 32.31 7.37
CA SER B 189 -12.11 31.58 6.95
C SER B 189 -10.83 32.24 7.47
N ALA B 190 -10.81 33.57 7.47
CA ALA B 190 -9.64 34.35 7.95
C ALA B 190 -9.47 34.16 9.43
N ARG B 191 -10.59 34.23 10.13
CA ARG B 191 -10.59 34.07 11.58
CA ARG B 191 -10.65 34.05 11.58
C ARG B 191 -10.13 32.67 12.01
N LEU B 192 -10.54 31.63 11.27
CA LEU B 192 -10.14 30.24 11.56
C LEU B 192 -8.87 29.77 10.81
N ALA B 193 -8.26 30.68 10.05
CA ALA B 193 -7.06 30.35 9.25
C ALA B 193 -6.05 29.54 10.05
N ASN B 194 -5.74 28.35 9.55
CA ASN B 194 -4.76 27.45 10.15
C ASN B 194 -5.14 26.83 11.50
N ARG B 195 -6.39 27.08 11.95
CA ARG B 195 -6.96 26.47 13.14
C ARG B 195 -8.25 25.69 12.83
N ALA B 196 -8.44 25.34 11.57
CA ALA B 196 -9.57 24.51 11.17
C ALA B 196 -9.11 23.59 10.07
N ILE B 197 -9.58 22.35 10.11
CA ILE B 197 -9.26 21.34 9.13
C ILE B 197 -10.52 20.92 8.38
N ASN B 198 -10.44 20.95 7.07
CA ASN B 198 -11.54 20.53 6.21
C ASN B 198 -11.17 19.25 5.49
N ILE B 199 -12.19 18.54 5.06
CA ILE B 199 -12.04 17.30 4.33
C ILE B 199 -12.94 17.31 3.12
N HIS B 200 -12.41 16.86 1.96
CA HIS B 200 -13.30 16.69 0.79
C HIS B 200 -12.81 15.57 -0.09
N HIS B 201 -13.66 15.12 -1.01
CA HIS B 201 -13.22 14.04 -1.90
C HIS B 201 -12.26 14.59 -2.95
N SER B 202 -11.48 13.68 -3.55
CA SER B 202 -10.53 14.03 -4.58
C SER B 202 -10.47 12.98 -5.66
N PHE B 203 -10.32 13.42 -6.89
CA PHE B 203 -10.24 12.50 -8.01
C PHE B 203 -9.06 12.77 -8.91
N LEU B 204 -8.63 11.71 -9.61
CA LEU B 204 -7.63 11.81 -10.68
CA LEU B 204 -7.63 11.79 -10.65
C LEU B 204 -8.23 11.25 -11.96
N PRO B 205 -8.57 12.13 -12.95
CA PRO B 205 -8.49 13.59 -12.94
C PRO B 205 -9.60 14.18 -12.07
N GLY B 206 -9.55 15.48 -11.83
CA GLY B 206 -10.54 16.14 -11.03
C GLY B 206 -11.90 16.20 -11.74
N PHE B 207 -12.97 16.11 -10.98
CA PHE B 207 -14.32 16.30 -11.52
C PHE B 207 -15.00 17.44 -10.76
N LYS B 208 -15.49 18.42 -11.49
CA LYS B 208 -16.13 19.58 -10.88
C LYS B 208 -17.57 19.52 -11.28
N GLY B 209 -18.43 20.11 -10.46
CA GLY B 209 -19.86 20.17 -10.76
C GLY B 209 -20.68 19.04 -10.19
N ALA B 210 -21.91 18.91 -10.70
CA ALA B 210 -22.84 17.94 -10.15
C ALA B 210 -22.41 16.48 -10.34
N LYS B 211 -22.77 15.69 -9.34
CA LYS B 211 -22.61 14.24 -9.39
C LYS B 211 -21.18 13.80 -9.76
N PRO B 212 -20.20 14.20 -8.96
CA PRO B 212 -18.81 13.83 -9.32
C PRO B 212 -18.57 12.31 -9.32
N TYR B 213 -19.25 11.55 -8.47
CA TYR B 213 -19.06 10.09 -8.47
C TYR B 213 -19.66 9.44 -9.72
N HIS B 214 -20.71 10.05 -10.28
CA HIS B 214 -21.21 9.58 -11.58
C HIS B 214 -20.18 9.95 -12.66
N GLN B 215 -19.59 11.12 -12.57
CA GLN B 215 -18.55 11.49 -13.53
C GLN B 215 -17.34 10.53 -13.45
N ALA B 216 -16.94 10.20 -12.23
CA ALA B 216 -15.83 9.32 -11.97
C ALA B 216 -16.13 7.91 -12.50
N HIS B 217 -17.37 7.47 -12.35
CA HIS B 217 -17.79 6.20 -12.89
C HIS B 217 -17.76 6.25 -14.42
N ALA B 218 -18.28 7.34 -15.00
CA ALA B 218 -18.34 7.50 -16.44
C ALA B 218 -16.94 7.47 -17.06
N ARG B 219 -16.01 8.13 -16.40
CA ARG B 219 -14.62 8.22 -16.86
CA ARG B 219 -14.61 8.23 -16.84
C ARG B 219 -13.85 6.92 -16.55
N GLY B 220 -14.44 6.05 -15.73
CA GLY B 220 -13.81 4.80 -15.38
C GLY B 220 -12.49 4.95 -14.66
N VAL B 221 -12.45 5.84 -13.67
CA VAL B 221 -11.27 6.04 -12.89
C VAL B 221 -10.98 4.74 -12.12
N LYS B 222 -9.72 4.50 -11.77
CA LYS B 222 -9.34 3.30 -11.04
C LYS B 222 -8.90 3.63 -9.63
N LEU B 223 -9.04 4.90 -9.25
CA LEU B 223 -8.69 5.37 -7.93
C LEU B 223 -9.73 6.39 -7.47
N ILE B 224 -10.02 6.40 -6.19
CA ILE B 224 -10.90 7.40 -5.56
C ILE B 224 -10.13 7.92 -4.36
N GLY B 225 -10.13 9.24 -4.13
CA GLY B 225 -9.36 9.81 -3.04
C GLY B 225 -10.07 10.85 -2.16
N ALA B 226 -9.28 11.48 -1.29
CA ALA B 226 -9.76 12.53 -0.45
C ALA B 226 -8.55 13.35 -0.02
N THR B 227 -8.79 14.62 0.25
CA THR B 227 -7.79 15.56 0.74
C THR B 227 -8.27 16.30 2.02
N ALA B 228 -7.41 16.35 3.03
CA ALA B 228 -7.67 17.13 4.25
C ALA B 228 -6.70 18.28 4.16
N HIS B 229 -7.22 19.47 4.46
CA HIS B 229 -6.46 20.70 4.39
C HIS B 229 -6.88 21.72 5.45
N PHE B 230 -5.95 22.65 5.71
CA PHE B 230 -6.26 23.76 6.58
C PHE B 230 -7.16 24.74 5.83
N VAL B 231 -8.11 25.30 6.59
CA VAL B 231 -8.93 26.36 6.10
C VAL B 231 -8.09 27.64 6.11
N THR B 232 -8.12 28.35 5.01
CA THR B 232 -7.53 29.71 4.98
C THR B 232 -8.48 30.61 4.19
N ASP B 233 -8.19 31.90 4.17
CA ASP B 233 -8.93 32.87 3.39
C ASP B 233 -8.16 33.16 2.10
N ASP B 234 -7.93 32.11 1.33
CA ASP B 234 -7.21 32.21 0.06
C ASP B 234 -8.19 31.91 -1.07
N LEU B 235 -7.74 32.11 -2.29
CA LEU B 235 -8.58 31.91 -3.44
C LEU B 235 -8.90 30.47 -3.59
N ASP B 236 -7.92 29.62 -3.35
CA ASP B 236 -8.12 28.20 -3.44
C ASP B 236 -7.93 27.60 -2.08
N GLU B 237 -8.20 26.33 -2.03
CA GLU B 237 -8.05 25.54 -0.87
C GLU B 237 -6.76 25.89 -0.12
N GLY B 238 -6.89 26.04 1.18
CA GLY B 238 -5.74 26.23 2.04
C GLY B 238 -4.77 25.05 2.01
N PRO B 239 -3.75 25.08 2.85
CA PRO B 239 -2.70 24.09 2.70
C PRO B 239 -3.07 22.66 2.92
N ILE B 240 -2.58 21.79 2.01
CA ILE B 240 -2.85 20.36 2.08
C ILE B 240 -2.11 19.74 3.29
N ILE B 241 -2.82 18.89 4.07
CA ILE B 241 -2.24 18.18 5.21
C ILE B 241 -2.04 16.73 4.85
N GLU B 242 -3.07 16.13 4.24
CA GLU B 242 -3.02 14.73 3.88
C GLU B 242 -3.91 14.43 2.68
N GLN B 243 -3.42 13.48 1.91
CA GLN B 243 -4.15 12.89 0.77
C GLN B 243 -4.03 11.38 0.83
N VAL B 244 -5.14 10.70 0.51
CA VAL B 244 -5.21 9.25 0.48
C VAL B 244 -6.07 8.87 -0.73
N VAL B 245 -5.73 7.75 -1.34
CA VAL B 245 -6.53 7.20 -2.40
C VAL B 245 -6.72 5.72 -2.16
N GLU B 246 -7.83 5.19 -2.72
CA GLU B 246 -8.15 3.77 -2.69
CA GLU B 246 -8.15 3.76 -2.67
C GLU B 246 -8.46 3.28 -4.10
N ARG B 247 -8.04 2.08 -4.41
CA ARG B 247 -8.24 1.48 -5.70
C ARG B 247 -9.65 0.97 -5.88
N VAL B 248 -10.22 1.24 -7.06
CA VAL B 248 -11.53 0.75 -7.48
C VAL B 248 -11.41 0.19 -8.89
N ASP B 249 -12.50 -0.40 -9.39
CA ASP B 249 -12.50 -0.93 -10.74
C ASP B 249 -13.85 -0.75 -11.40
N HIS B 250 -13.91 -1.15 -12.66
CA HIS B 250 -15.10 -1.03 -13.49
C HIS B 250 -16.39 -1.56 -12.88
N SER B 251 -16.30 -2.46 -11.90
CA SER B 251 -17.50 -3.11 -11.28
C SER B 251 -18.18 -2.24 -10.22
N TYR B 252 -17.54 -1.14 -9.88
CA TYR B 252 -18.07 -0.24 -8.88
C TYR B 252 -19.05 0.72 -9.51
N ARG B 253 -20.32 0.58 -9.14
CA ARG B 253 -21.33 1.50 -9.56
C ARG B 253 -21.08 2.85 -8.89
N PRO B 254 -21.71 3.92 -9.38
CA PRO B 254 -21.50 5.23 -8.78
C PRO B 254 -21.75 5.29 -7.28
N GLU B 255 -22.75 4.58 -6.79
CA GLU B 255 -23.04 4.55 -5.35
C GLU B 255 -21.96 3.81 -4.56
N GLN B 256 -21.29 2.84 -5.19
CA GLN B 256 -20.20 2.15 -4.55
C GLN B 256 -18.94 2.99 -4.54
N LEU B 257 -18.72 3.79 -5.58
CA LEU B 257 -17.60 4.73 -5.57
C LEU B 257 -17.79 5.75 -4.44
N LEU B 258 -19.02 6.22 -4.28
CA LEU B 258 -19.39 7.18 -3.21
C LEU B 258 -19.03 6.60 -1.85
N ALA B 259 -19.35 5.30 -1.67
CA ALA B 259 -19.04 4.61 -0.44
C ALA B 259 -17.55 4.58 -0.19
N VAL B 260 -16.76 4.29 -1.23
CA VAL B 260 -15.30 4.29 -1.08
C VAL B 260 -14.82 5.69 -0.75
N GLY B 261 -15.31 6.71 -1.46
CA GLY B 261 -14.91 8.09 -1.22
C GLY B 261 -15.17 8.52 0.21
N ARG B 262 -16.35 8.20 0.74
CA ARG B 262 -16.67 8.56 2.11
C ARG B 262 -15.73 7.85 3.09
N ASP B 263 -15.40 6.59 2.82
CA ASP B 263 -14.47 5.85 3.66
CA ASP B 263 -14.45 5.86 3.67
C ASP B 263 -13.09 6.52 3.65
N VAL B 264 -12.63 6.89 2.47
CA VAL B 264 -11.34 7.53 2.34
C VAL B 264 -11.35 8.92 3.02
N GLU B 265 -12.46 9.63 2.97
CA GLU B 265 -12.58 10.89 3.69
C GLU B 265 -12.39 10.65 5.20
N CYS B 266 -13.03 9.61 5.73
CA CYS B 266 -12.84 9.28 7.14
C CYS B 266 -11.38 9.08 7.52
N ILE B 267 -10.63 8.21 6.80
CA ILE B 267 -9.24 7.92 7.12
CA ILE B 267 -9.25 7.95 7.23
C ILE B 267 -8.38 9.17 6.97
N THR B 268 -8.65 9.89 5.91
CA THR B 268 -7.87 11.07 5.59
C THR B 268 -8.04 12.16 6.68
N LEU B 269 -9.28 12.44 7.05
CA LEU B 269 -9.56 13.40 8.11
C LEU B 269 -8.92 12.96 9.44
N ALA B 270 -9.08 11.69 9.80
CA ALA B 270 -8.55 11.19 11.07
C ALA B 270 -7.01 11.37 11.12
N ARG B 271 -6.33 11.07 10.02
CA ARG B 271 -4.88 11.25 9.97
C ARG B 271 -4.48 12.70 10.19
N ALA B 272 -5.19 13.61 9.56
CA ALA B 272 -4.93 15.04 9.66
C ALA B 272 -5.17 15.55 11.07
N VAL B 273 -6.28 15.12 11.64
CA VAL B 273 -6.63 15.52 12.97
C VAL B 273 -5.60 14.96 13.97
N LYS B 274 -5.21 13.72 13.79
CA LYS B 274 -4.26 13.09 14.70
C LYS B 274 -2.91 13.84 14.65
N ALA B 275 -2.47 14.18 13.45
CA ALA B 275 -1.21 14.90 13.26
C ALA B 275 -1.29 16.28 13.94
N PHE B 276 -2.43 16.93 13.86
CA PHE B 276 -2.59 18.22 14.50
C PHE B 276 -2.53 18.08 16.03
N ILE B 277 -3.26 17.12 16.57
CA ILE B 277 -3.32 17.03 18.03
C ILE B 277 -2.04 16.43 18.62
N GLU B 278 -1.27 15.72 17.79
CA GLU B 278 0.04 15.24 18.23
C GLU B 278 1.22 16.24 17.92
N ARG B 279 0.88 17.43 17.43
CA ARG B 279 1.85 18.47 17.11
C ARG B 279 2.89 18.04 16.06
N ARG B 280 2.41 17.44 14.98
CA ARG B 280 3.27 16.95 13.92
C ARG B 280 3.04 17.69 12.59
N VAL B 281 2.20 18.73 12.60
CA VAL B 281 1.90 19.51 11.39
C VAL B 281 2.33 20.95 11.52
N PHE B 282 3.13 21.44 10.56
CA PHE B 282 3.57 22.81 10.52
C PHE B 282 3.18 23.47 9.21
N LEU B 283 2.84 24.76 9.28
CA LEU B 283 2.63 25.56 8.11
C LEU B 283 3.99 25.95 7.52
N ASN B 284 4.09 25.89 6.22
CA ASN B 284 5.32 26.24 5.50
C ASN B 284 4.85 27.02 4.28
N GLY B 285 4.40 28.24 4.51
CA GLY B 285 3.85 29.07 3.44
C GLY B 285 2.50 28.51 3.03
N ASP B 286 2.36 28.13 1.76
CA ASP B 286 1.11 27.53 1.25
C ASP B 286 1.11 25.99 1.26
N ARG B 287 2.11 25.39 1.86
CA ARG B 287 2.16 23.94 2.00
C ARG B 287 2.42 23.55 3.46
N THR B 288 2.41 22.26 3.78
CA THR B 288 2.65 21.84 5.14
C THR B 288 3.82 20.89 5.25
N VAL B 289 4.42 20.92 6.44
CA VAL B 289 5.36 19.94 6.86
C VAL B 289 4.63 19.02 7.82
N VAL B 290 4.67 17.73 7.56
CA VAL B 290 4.00 16.70 8.41
C VAL B 290 5.02 15.64 8.80
N PHE B 291 5.33 15.58 10.10
CA PHE B 291 6.25 14.58 10.59
C PHE B 291 5.50 13.31 10.87
N GLN B 292 6.11 12.19 10.57
CA GLN B 292 5.50 10.91 10.88
C GLN B 292 5.62 10.63 12.38
N PRO C 8 25.50 22.21 -3.98
CA PRO C 8 26.35 22.19 -2.77
C PRO C 8 27.06 20.84 -2.53
N HIS C 9 28.37 20.89 -2.27
CA HIS C 9 29.16 19.67 -1.98
C HIS C 9 28.88 19.19 -0.55
N GLN C 10 28.14 18.09 -0.44
CA GLN C 10 27.70 17.59 0.85
C GLN C 10 28.56 16.46 1.45
N PHE C 11 28.45 16.36 2.77
CA PHE C 11 29.08 15.32 3.55
C PHE C 11 28.05 14.76 4.52
N VAL C 12 28.23 13.51 4.88
CA VAL C 12 27.33 12.91 5.81
C VAL C 12 28.12 12.29 6.96
N LEU C 13 27.76 12.73 8.17
CA LEU C 13 28.28 12.21 9.42
C LEU C 13 27.33 11.19 9.97
N THR C 14 27.83 10.00 10.27
CA THR C 14 27.02 9.01 10.96
C THR C 14 27.77 8.61 12.21
N LEU C 15 27.02 8.36 13.27
CA LEU C 15 27.58 7.89 14.52
C LEU C 15 26.58 7.12 15.37
N SER C 16 27.12 6.19 16.17
CA SER C 16 26.34 5.51 17.20
C SER C 16 27.20 5.45 18.42
N CYS C 17 26.58 5.50 19.59
CA CYS C 17 27.27 5.48 20.84
C CYS C 17 26.32 5.15 21.98
N PRO C 18 26.87 4.80 23.15
CA PRO C 18 26.04 4.56 24.32
C PRO C 18 25.27 5.80 24.65
N SER C 19 24.05 5.61 25.13
CA SER C 19 23.20 6.72 25.51
C SER C 19 23.87 7.54 26.62
N ALA C 20 23.75 8.86 26.51
CA ALA C 20 24.30 9.83 27.45
C ALA C 20 23.90 11.20 26.94
N ALA C 21 24.03 12.22 27.77
CA ALA C 21 23.64 13.57 27.36
C ALA C 21 24.80 14.32 26.69
N GLY C 22 24.47 15.18 25.72
CA GLY C 22 25.44 16.16 25.19
C GLY C 22 26.03 15.95 23.81
N GLN C 23 25.68 14.84 23.14
CA GLN C 23 26.29 14.52 21.87
C GLN C 23 25.90 15.47 20.75
N VAL C 24 24.60 15.73 20.60
CA VAL C 24 24.15 16.58 19.47
C VAL C 24 24.74 17.97 19.64
N ALA C 25 24.68 18.48 20.87
CA ALA C 25 25.27 19.79 21.16
C ALA C 25 26.73 19.84 20.73
N ALA C 26 27.50 18.82 21.07
CA ALA C 26 28.92 18.79 20.72
C ALA C 26 29.09 18.71 19.21
N VAL C 27 28.24 17.92 18.55
CA VAL C 27 28.34 17.75 17.11
C VAL C 27 28.01 19.05 16.39
N VAL C 28 26.86 19.65 16.68
CA VAL C 28 26.46 20.88 15.98
CA VAL C 28 26.47 20.87 15.97
C VAL C 28 27.39 22.02 16.30
N GLY C 29 27.95 22.01 17.50
CA GLY C 29 28.87 23.03 17.89
C GLY C 29 30.09 23.02 16.99
N LEU C 30 30.60 21.82 16.71
CA LEU C 30 31.76 21.66 15.85
C LEU C 30 31.41 22.09 14.43
N LEU C 31 30.24 21.68 13.95
CA LEU C 31 29.85 22.00 12.58
C LEU C 31 29.67 23.52 12.40
N ASP C 32 29.05 24.16 13.40
CA ASP C 32 28.90 25.64 13.43
C ASP C 32 30.25 26.30 13.42
N ARG C 33 31.22 25.74 14.14
CA ARG C 33 32.59 26.25 14.20
CA ARG C 33 32.56 26.33 14.18
C ARG C 33 33.25 26.26 12.81
N HIS C 34 32.86 25.31 11.97
CA HIS C 34 33.44 25.20 10.61
C HIS C 34 32.49 25.76 9.57
N ARG C 35 31.52 26.55 10.03
CA ARG C 35 30.50 27.18 9.19
C ARG C 35 29.88 26.21 8.19
N CYS C 36 29.46 25.07 8.70
CA CYS C 36 28.76 24.10 7.91
C CYS C 36 27.25 24.32 8.07
N TYR C 37 26.52 24.23 6.98
CA TYR C 37 25.10 24.34 6.99
C TYR C 37 24.55 22.92 7.16
N VAL C 38 23.70 22.69 8.15
CA VAL C 38 23.07 21.35 8.30
C VAL C 38 21.87 21.17 7.37
N ASP C 39 22.01 20.27 6.40
CA ASP C 39 20.93 19.95 5.46
C ASP C 39 19.93 18.94 6.01
N GLU C 40 20.42 17.91 6.68
CA GLU C 40 19.57 16.88 7.28
C GLU C 40 20.13 16.52 8.66
N LEU C 41 19.24 16.25 9.62
CA LEU C 41 19.63 15.78 10.91
C LEU C 41 18.55 14.86 11.44
N THR C 42 18.98 13.63 11.68
CA THR C 42 18.13 12.59 12.27
CA THR C 42 18.12 12.61 12.24
C THR C 42 18.84 11.95 13.44
N VAL C 43 18.13 11.91 14.58
CA VAL C 43 18.62 11.42 15.84
CA VAL C 43 18.64 11.35 15.80
C VAL C 43 17.66 10.35 16.39
N PHE C 44 18.20 9.34 17.06
CA PHE C 44 17.36 8.32 17.66
C PHE C 44 18.07 7.73 18.87
N ASP C 45 17.42 7.79 20.02
CA ASP C 45 17.90 7.13 21.20
C ASP C 45 17.04 5.92 21.49
N ASP C 46 17.66 4.74 21.52
CA ASP C 46 16.99 3.51 21.88
C ASP C 46 17.24 3.27 23.37
N ASP C 47 16.23 3.53 24.19
CA ASP C 47 16.38 3.43 25.65
C ASP C 47 16.41 2.03 26.15
N LEU C 48 16.07 1.06 25.29
CA LEU C 48 16.09 -0.34 25.69
C LEU C 48 17.49 -0.94 25.45
N SER C 49 18.13 -0.55 24.34
CA SER C 49 19.51 -0.99 24.07
C SER C 49 20.52 0.04 24.61
N ALA C 50 20.02 1.21 25.02
CA ALA C 50 20.88 2.27 25.54
C ALA C 50 21.90 2.70 24.47
N ARG C 51 21.45 2.80 23.22
CA ARG C 51 22.29 3.26 22.10
C ARG C 51 21.65 4.46 21.46
N PHE C 52 22.51 5.37 21.03
CA PHE C 52 22.14 6.61 20.43
C PHE C 52 22.71 6.64 19.02
N PHE C 53 21.93 7.19 18.11
CA PHE C 53 22.26 7.20 16.71
C PHE C 53 22.05 8.57 16.09
N VAL C 54 23.00 9.00 15.25
CA VAL C 54 22.87 10.30 14.55
C VAL C 54 23.34 10.21 13.13
N ARG C 55 22.58 10.85 12.24
CA ARG C 55 22.95 11.02 10.85
C ARG C 55 22.75 12.48 10.52
N CYS C 56 23.80 13.11 10.03
CA CYS C 56 23.76 14.53 9.75
C CYS C 56 24.42 14.81 8.42
N VAL C 57 23.68 15.42 7.51
CA VAL C 57 24.17 15.77 6.21
C VAL C 57 24.38 17.28 6.23
N PHE C 58 25.54 17.73 5.76
CA PHE C 58 25.89 19.14 5.81
C PHE C 58 26.80 19.54 4.65
N HIS C 59 26.97 20.84 4.48
CA HIS C 59 27.89 21.35 3.48
C HIS C 59 28.51 22.64 3.98
N ALA C 60 29.64 23.02 3.39
CA ALA C 60 30.31 24.25 3.73
C ALA C 60 29.56 25.43 3.13
N THR C 61 29.58 26.57 3.84
CA THR C 61 28.92 27.79 3.36
C THR C 61 29.90 28.76 2.69
N ASP C 62 31.00 29.09 3.37
CA ASP C 62 31.99 30.03 2.82
C ASP C 62 32.90 29.40 1.75
N LEU C 67 36.54 24.07 2.87
CA LEU C 67 36.21 23.22 4.03
C LEU C 67 37.30 22.21 4.30
N ARG C 68 38.13 22.51 5.31
CA ARG C 68 39.19 21.60 5.71
C ARG C 68 38.52 20.39 6.36
N VAL C 69 38.13 19.41 5.52
CA VAL C 69 37.49 18.20 6.00
C VAL C 69 38.42 17.39 6.91
N ASP C 70 39.71 17.34 6.61
N ASP C 70 39.71 17.42 6.57
CA ASP C 70 40.61 16.57 7.48
CA ASP C 70 40.76 16.76 7.33
C ASP C 70 40.86 17.29 8.82
C ASP C 70 40.77 17.29 8.76
N ALA C 71 40.70 18.63 8.84
CA ALA C 71 40.76 19.35 10.12
C ALA C 71 39.45 19.11 10.89
N LEU C 72 38.32 19.01 10.17
CA LEU C 72 37.02 18.69 10.80
C LEU C 72 37.06 17.30 11.45
N ARG C 73 37.57 16.30 10.71
CA ARG C 73 37.74 14.94 11.24
C ARG C 73 38.67 14.94 12.45
N ARG C 74 39.78 15.64 12.35
CA ARG C 74 40.74 15.69 13.43
C ARG C 74 40.06 16.26 14.68
N GLU C 75 39.25 17.31 14.51
CA GLU C 75 38.60 17.97 15.67
C GLU C 75 37.41 17.15 16.22
N PHE C 76 36.91 16.20 15.41
CA PHE C 76 35.81 15.32 15.85
C PHE C 76 36.35 14.30 16.87
N GLU C 77 37.64 13.98 16.77
CA GLU C 77 38.25 12.95 17.65
C GLU C 77 37.99 13.15 19.14
N PRO C 78 38.19 14.38 19.67
CA PRO C 78 37.91 14.53 21.10
C PRO C 78 36.44 14.21 21.44
N ILE C 79 35.54 14.49 20.50
CA ILE C 79 34.13 14.25 20.72
C ILE C 79 33.86 12.73 20.72
N ALA C 80 34.41 12.03 19.75
CA ALA C 80 34.23 10.60 19.61
C ALA C 80 34.81 9.87 20.80
N GLU C 81 35.95 10.35 21.28
CA GLU C 81 36.62 9.73 22.38
C GLU C 81 35.81 9.88 23.65
N ARG C 82 35.34 11.10 23.89
CA ARG C 82 34.59 11.38 25.08
C ARG C 82 33.28 10.60 25.14
N PHE C 83 32.57 10.52 24.01
CA PHE C 83 31.27 9.88 23.98
C PHE C 83 31.29 8.42 23.52
N ARG C 84 32.47 7.88 23.27
CA ARG C 84 32.61 6.46 22.88
C ARG C 84 31.82 6.13 21.60
N MSE C 85 32.05 6.96 20.59
CA MSE C 85 31.34 6.84 19.33
C MSE C 85 32.05 6.07 18.28
O MSE C 85 33.27 6.21 18.10
CB MSE C 85 31.15 8.23 18.71
CG MSE C 85 30.32 9.21 19.54
SE MSE C 85 30.42 10.97 18.72
CE MSE C 85 28.96 11.84 19.69
N GLN C 86 31.29 5.26 17.57
CA GLN C 86 31.74 4.74 16.31
C GLN C 86 31.15 5.75 15.32
N TRP C 87 31.96 6.20 14.37
CA TRP C 87 31.54 7.28 13.51
C TRP C 87 32.21 7.27 12.16
N ALA C 88 31.62 7.99 11.22
CA ALA C 88 32.22 8.17 9.90
C ALA C 88 31.70 9.45 9.25
N ILE C 89 32.57 10.10 8.47
CA ILE C 89 32.16 11.22 7.62
C ILE C 89 32.45 10.83 6.19
N HIS C 90 31.42 10.75 5.37
CA HIS C 90 31.53 10.35 3.98
C HIS C 90 31.21 11.49 3.08
N ASP C 91 31.88 11.53 1.93
CA ASP C 91 31.57 12.47 0.90
C ASP C 91 30.33 11.94 0.19
N VAL C 92 29.27 12.73 0.15
CA VAL C 92 28.05 12.32 -0.47
C VAL C 92 28.22 12.01 -1.98
N ALA C 93 29.17 12.66 -2.64
CA ALA C 93 29.43 12.42 -4.06
C ALA C 93 30.17 11.10 -4.32
N ALA C 94 30.82 10.53 -3.31
CA ALA C 94 31.55 9.30 -3.48
C ALA C 94 30.59 8.11 -3.64
N ARG C 95 30.90 7.24 -4.58
CA ARG C 95 30.10 6.07 -4.83
C ARG C 95 30.72 4.90 -4.05
N PRO C 96 29.99 4.34 -3.08
CA PRO C 96 30.55 3.23 -2.31
C PRO C 96 30.88 2.03 -3.23
N LYS C 97 31.97 1.36 -2.93
CA LYS C 97 32.40 0.22 -3.71
C LYS C 97 31.70 -1.03 -3.23
N VAL C 98 31.08 -1.78 -4.16
CA VAL C 98 30.36 -3.00 -3.78
C VAL C 98 30.74 -4.21 -4.62
N LEU C 99 30.76 -5.37 -3.97
CA LEU C 99 31.01 -6.65 -4.63
C LEU C 99 29.70 -7.42 -4.59
N ILE C 100 29.28 -7.96 -5.73
CA ILE C 100 28.02 -8.69 -5.77
C ILE C 100 28.30 -10.16 -5.99
N MSE C 101 27.75 -11.00 -5.11
CA MSE C 101 27.84 -12.45 -5.20
CA MSE C 101 27.87 -12.43 -5.29
C MSE C 101 26.53 -12.99 -5.78
O MSE C 101 25.47 -12.54 -5.40
CB MSE C 101 28.06 -13.08 -3.81
CB MSE C 101 28.33 -13.07 -4.00
CG MSE C 101 29.27 -12.56 -3.03
CG MSE C 101 29.66 -12.49 -3.56
SE MSE C 101 30.99 -13.26 -3.59
SE MSE C 101 30.31 -13.32 -1.98
CE MSE C 101 30.63 -15.16 -3.56
CE MSE C 101 30.72 -15.08 -2.72
N VAL C 102 26.62 -13.97 -6.68
CA VAL C 102 25.47 -14.57 -7.31
C VAL C 102 25.75 -16.05 -7.60
N SER C 103 24.71 -16.84 -7.77
CA SER C 103 24.84 -18.26 -8.08
C SER C 103 24.13 -18.49 -9.44
N LYS C 104 23.08 -19.31 -9.51
CA LYS C 104 22.39 -19.57 -10.79
CA LYS C 104 22.40 -19.55 -10.81
C LYS C 104 21.10 -18.76 -10.98
N LEU C 105 20.64 -18.08 -9.91
CA LEU C 105 19.39 -17.28 -9.98
C LEU C 105 19.70 -15.84 -10.34
N GLU C 106 19.15 -15.39 -11.47
CA GLU C 106 19.49 -14.08 -12.04
C GLU C 106 18.76 -12.88 -11.46
N HIS C 107 17.58 -13.10 -10.87
CA HIS C 107 16.65 -11.99 -10.69
C HIS C 107 17.17 -10.82 -9.83
N CYS C 108 17.78 -11.09 -8.67
CA CYS C 108 18.28 -10.00 -7.85
C CYS C 108 19.44 -9.29 -8.53
N LEU C 109 20.40 -10.04 -9.06
CA LEU C 109 21.56 -9.46 -9.81
C LEU C 109 21.09 -8.56 -10.95
N ALA C 110 20.12 -9.03 -11.74
CA ALA C 110 19.66 -8.27 -12.88
C ALA C 110 18.97 -7.01 -12.42
N ASP C 111 18.16 -7.11 -11.36
CA ASP C 111 17.45 -5.98 -10.81
C ASP C 111 18.42 -4.91 -10.32
N LEU C 112 19.44 -5.32 -9.59
CA LEU C 112 20.45 -4.38 -9.08
C LEU C 112 21.21 -3.69 -10.21
N LEU C 113 21.57 -4.46 -11.24
CA LEU C 113 22.30 -3.95 -12.37
C LEU C 113 21.45 -2.90 -13.14
N PHE C 114 20.13 -3.12 -13.24
CA PHE C 114 19.26 -2.18 -13.92
C PHE C 114 19.18 -0.88 -13.11
N ARG C 115 18.89 -1.00 -11.81
CA ARG C 115 18.80 0.17 -10.93
C ARG C 115 20.12 0.98 -10.94
N TRP C 116 21.24 0.27 -10.99
CA TRP C 116 22.59 0.89 -11.10
C TRP C 116 22.78 1.60 -12.43
N LYS C 117 22.44 0.91 -13.51
CA LYS C 117 22.62 1.48 -14.86
C LYS C 117 21.78 2.75 -15.02
N MSE C 118 20.59 2.76 -14.42
CA MSE C 118 19.66 3.87 -14.59
C MSE C 118 19.92 5.02 -13.61
O MSE C 118 19.32 6.08 -13.74
CB MSE C 118 18.23 3.38 -14.50
CG MSE C 118 17.84 2.36 -15.68
SE MSE C 118 18.20 2.98 -17.40
CE MSE C 118 16.66 4.08 -17.62
N GLY C 119 20.81 4.80 -12.65
CA GLY C 119 21.21 5.86 -11.75
C GLY C 119 20.50 5.89 -10.42
N GLU C 120 19.66 4.87 -10.15
CA GLU C 120 18.96 4.79 -8.87
C GLU C 120 19.91 4.39 -7.73
N LEU C 121 20.78 3.41 -7.99
CA LEU C 121 21.76 2.98 -6.97
C LEU C 121 23.12 3.56 -7.32
N LYS C 122 23.49 4.59 -6.60
CA LYS C 122 24.73 5.29 -6.91
C LYS C 122 25.86 4.60 -6.17
N MSE C 123 26.37 3.55 -6.79
CA MSE C 123 27.48 2.75 -6.24
C MSE C 123 28.41 2.30 -7.36
O MSE C 123 28.01 2.27 -8.54
CB MSE C 123 26.93 1.52 -5.51
CG MSE C 123 26.18 0.51 -6.40
SE MSE C 123 25.07 -0.70 -5.38
CE MSE C 123 24.55 -2.05 -6.69
N ASP C 124 29.65 1.97 -7.01
CA ASP C 124 30.59 1.41 -7.97
C ASP C 124 30.68 -0.10 -7.72
N ILE C 125 30.30 -0.90 -8.72
CA ILE C 125 30.36 -2.34 -8.62
C ILE C 125 31.76 -2.76 -9.06
N VAL C 126 32.55 -3.23 -8.10
CA VAL C 126 33.93 -3.56 -8.36
C VAL C 126 34.05 -4.93 -8.98
N GLY C 127 32.99 -5.72 -8.87
CA GLY C 127 32.97 -7.05 -9.42
C GLY C 127 31.76 -7.88 -9.11
N ILE C 128 31.57 -8.90 -9.93
CA ILE C 128 30.56 -9.87 -9.72
C ILE C 128 31.29 -11.21 -9.57
N VAL C 129 31.05 -11.87 -8.45
CA VAL C 129 31.69 -13.17 -8.17
C VAL C 129 30.62 -14.26 -8.07
N SER C 130 30.92 -15.43 -8.61
CA SER C 130 29.96 -16.53 -8.60
C SER C 130 30.58 -17.90 -8.46
N ASN C 131 29.84 -18.82 -7.84
CA ASN C 131 30.24 -20.22 -7.81
C ASN C 131 29.82 -20.93 -9.12
N HIS C 132 29.17 -20.19 -10.01
CA HIS C 132 28.75 -20.71 -11.32
C HIS C 132 29.17 -19.74 -12.45
N PRO C 133 29.22 -20.23 -13.70
CA PRO C 133 29.65 -19.39 -14.83
C PRO C 133 28.52 -18.64 -15.51
N ASP C 134 27.29 -19.04 -15.18
CA ASP C 134 26.08 -18.58 -15.87
C ASP C 134 26.03 -17.08 -16.23
N PHE C 135 26.34 -16.21 -15.27
CA PHE C 135 26.15 -14.78 -15.50
C PHE C 135 27.36 -14.01 -15.96
N ALA C 136 28.35 -14.71 -16.50
CA ALA C 136 29.53 -14.07 -17.05
C ALA C 136 29.15 -13.03 -18.14
N PRO C 137 28.21 -13.36 -19.02
CA PRO C 137 27.84 -12.41 -20.08
C PRO C 137 27.06 -11.20 -19.54
N LEU C 138 26.29 -11.41 -18.48
CA LEU C 138 25.54 -10.31 -17.89
C LEU C 138 26.53 -9.30 -17.34
N ALA C 139 27.60 -9.78 -16.69
CA ALA C 139 28.61 -8.88 -16.17
C ALA C 139 29.34 -8.13 -17.31
N ALA C 140 29.69 -8.88 -18.37
CA ALA C 140 30.44 -8.31 -19.51
C ALA C 140 29.69 -7.13 -20.13
N GLN C 141 28.43 -7.34 -20.43
CA GLN C 141 27.54 -6.31 -20.95
C GLN C 141 27.51 -4.99 -20.14
N HIS C 142 27.80 -5.04 -18.84
CA HIS C 142 27.78 -3.86 -18.02
C HIS C 142 29.19 -3.36 -17.74
N GLY C 143 30.17 -3.97 -18.41
CA GLY C 143 31.56 -3.59 -18.26
C GLY C 143 32.08 -3.90 -16.89
N LEU C 144 31.53 -4.94 -16.27
CA LEU C 144 31.91 -5.32 -14.92
C LEU C 144 32.74 -6.60 -14.89
N PRO C 145 33.79 -6.61 -14.09
CA PRO C 145 34.58 -7.83 -13.93
C PRO C 145 33.75 -8.97 -13.35
N PHE C 146 33.99 -10.17 -13.87
CA PHE C 146 33.34 -11.38 -13.42
C PHE C 146 34.39 -12.39 -12.99
N ARG C 147 34.19 -12.99 -11.82
CA ARG C 147 35.08 -14.04 -11.37
CA ARG C 147 35.08 -14.07 -11.40
C ARG C 147 34.25 -15.28 -11.03
N HIS C 148 34.56 -16.38 -11.69
CA HIS C 148 33.94 -17.68 -11.45
C HIS C 148 34.84 -18.49 -10.51
N PHE C 149 34.33 -18.82 -9.33
CA PHE C 149 35.09 -19.62 -8.36
C PHE C 149 34.26 -20.85 -8.01
N PRO C 150 34.40 -21.90 -8.81
CA PRO C 150 33.61 -23.10 -8.55
C PRO C 150 33.92 -23.76 -7.19
N ILE C 151 32.94 -24.49 -6.65
CA ILE C 151 33.08 -25.21 -5.38
C ILE C 151 32.92 -26.72 -5.57
N THR C 152 33.76 -27.48 -4.87
CA THR C 152 33.68 -28.94 -4.85
C THR C 152 33.45 -29.35 -3.40
N ALA C 153 33.37 -30.65 -3.16
CA ALA C 153 33.16 -31.17 -1.80
C ALA C 153 34.31 -30.79 -0.88
N ASP C 154 35.55 -31.01 -1.36
CA ASP C 154 36.77 -30.80 -0.57
C ASP C 154 37.40 -29.40 -0.64
N THR C 155 36.65 -28.38 -1.10
CA THR C 155 37.27 -27.05 -1.30
C THR C 155 36.45 -25.83 -0.84
N LYS C 156 35.52 -26.04 0.10
CA LYS C 156 34.71 -24.93 0.64
C LYS C 156 35.58 -23.82 1.21
N ALA C 157 36.56 -24.19 2.03
CA ALA C 157 37.44 -23.19 2.67
C ALA C 157 38.34 -22.46 1.67
N GLN C 158 38.86 -23.20 0.68
CA GLN C 158 39.74 -22.62 -0.36
C GLN C 158 38.98 -21.64 -1.24
N GLN C 159 37.76 -22.00 -1.64
CA GLN C 159 36.93 -21.15 -2.50
C GLN C 159 36.54 -19.86 -1.78
N GLU C 160 36.21 -19.95 -0.49
CA GLU C 160 35.89 -18.72 0.26
C GLU C 160 37.08 -17.80 0.33
N ALA C 161 38.27 -18.38 0.44
CA ALA C 161 39.49 -17.61 0.51
C ALA C 161 39.70 -16.85 -0.79
N GLN C 162 39.31 -17.47 -1.90
CA GLN C 162 39.47 -16.83 -3.19
C GLN C 162 38.60 -15.58 -3.31
N TRP C 163 37.32 -15.68 -2.97
CA TRP C 163 36.48 -14.49 -3.14
C TRP C 163 36.67 -13.48 -1.99
N LEU C 164 37.07 -13.95 -0.81
CA LEU C 164 37.41 -13.00 0.27
C LEU C 164 38.65 -12.18 -0.13
N ASP C 165 39.56 -12.79 -0.89
CA ASP C 165 40.74 -12.07 -1.37
C ASP C 165 40.31 -10.99 -2.36
N VAL C 166 39.39 -11.32 -3.26
CA VAL C 166 38.88 -10.32 -4.20
C VAL C 166 38.22 -9.17 -3.41
N PHE C 167 37.42 -9.52 -2.40
CA PHE C 167 36.77 -8.50 -1.58
C PHE C 167 37.80 -7.50 -1.03
N GLU C 168 38.88 -8.01 -0.44
CA GLU C 168 39.89 -7.14 0.18
C GLU C 168 40.63 -6.29 -0.85
N THR C 169 41.14 -6.92 -1.91
CA THR C 169 41.96 -6.21 -2.89
C THR C 169 41.17 -5.23 -3.77
N SER C 170 39.86 -5.46 -3.88
CA SER C 170 38.97 -4.60 -4.67
C SER C 170 38.61 -3.31 -3.94
N GLY C 171 38.85 -3.26 -2.64
CA GLY C 171 38.49 -2.09 -1.83
C GLY C 171 36.98 -1.95 -1.59
N ALA C 172 36.23 -3.04 -1.79
CA ALA C 172 34.78 -2.99 -1.58
C ALA C 172 34.49 -2.83 -0.11
N GLU C 173 33.45 -2.10 0.20
CA GLU C 173 33.05 -1.94 1.57
C GLU C 173 31.71 -2.65 1.85
N LEU C 174 31.18 -3.31 0.84
CA LEU C 174 29.90 -4.04 0.97
C LEU C 174 29.87 -5.22 0.02
N VAL C 175 29.53 -6.37 0.58
CA VAL C 175 29.26 -7.56 -0.21
C VAL C 175 27.73 -7.72 -0.26
N ILE C 176 27.20 -7.83 -1.45
CA ILE C 176 25.76 -8.03 -1.64
C ILE C 176 25.55 -9.49 -2.09
N LEU C 177 24.81 -10.26 -1.30
CA LEU C 177 24.56 -11.66 -1.63
C LEU C 177 23.24 -11.73 -2.40
N ALA C 178 23.35 -11.67 -3.73
CA ALA C 178 22.20 -11.60 -4.60
C ALA C 178 21.75 -13.01 -4.91
N ARG C 179 21.18 -13.64 -3.89
CA ARG C 179 20.80 -15.06 -3.95
C ARG C 179 22.04 -15.92 -4.21
N TYR C 180 23.12 -15.66 -3.47
CA TYR C 180 24.29 -16.48 -3.51
C TYR C 180 23.93 -17.65 -2.62
N MSE C 181 23.94 -18.86 -3.17
CA MSE C 181 23.40 -20.01 -2.45
C MSE C 181 24.41 -20.95 -1.83
O MSE C 181 24.20 -22.15 -1.85
CB MSE C 181 22.50 -20.83 -3.40
CG MSE C 181 21.29 -20.06 -3.94
SE MSE C 181 20.27 -19.12 -2.55
CE MSE C 181 19.61 -20.65 -1.50
N GLN C 182 25.50 -20.43 -1.31
CA GLN C 182 26.43 -21.24 -0.50
C GLN C 182 26.45 -20.61 0.86
N VAL C 183 26.45 -21.42 1.94
CA VAL C 183 26.45 -20.88 3.31
CA VAL C 183 26.44 -20.84 3.29
C VAL C 183 27.84 -20.37 3.65
N LEU C 184 27.94 -19.11 4.07
CA LEU C 184 29.23 -18.56 4.46
C LEU C 184 29.67 -19.23 5.75
N SER C 185 30.96 -19.48 5.88
CA SER C 185 31.50 -20.11 7.08
C SER C 185 31.48 -19.14 8.24
N PRO C 186 31.70 -19.62 9.49
CA PRO C 186 31.77 -18.64 10.57
C PRO C 186 32.93 -17.66 10.40
N GLU C 187 34.02 -18.09 9.78
CA GLU C 187 35.17 -17.21 9.52
C GLU C 187 34.80 -16.16 8.45
N ALA C 188 34.14 -16.62 7.39
CA ALA C 188 33.72 -15.72 6.32
C ALA C 188 32.74 -14.66 6.88
N SER C 189 31.75 -15.09 7.64
CA SER C 189 30.78 -14.18 8.27
CA SER C 189 30.78 -14.17 8.27
C SER C 189 31.45 -13.13 9.15
N ALA C 190 32.44 -13.57 9.94
CA ALA C 190 33.14 -12.68 10.85
C ALA C 190 33.93 -11.58 10.12
N ARG C 191 34.59 -11.94 9.03
CA ARG C 191 35.35 -10.95 8.27
C ARG C 191 34.45 -9.90 7.57
N LEU C 192 33.22 -10.30 7.27
CA LEU C 192 32.22 -9.43 6.60
C LEU C 192 31.13 -8.87 7.54
N ALA C 193 31.38 -8.93 8.84
CA ALA C 193 30.43 -8.41 9.83
C ALA C 193 30.10 -6.97 9.54
N ASN C 194 28.80 -6.66 9.50
CA ASN C 194 28.30 -5.31 9.22
C ASN C 194 28.60 -4.80 7.83
N ARG C 195 29.11 -5.69 6.97
CA ARG C 195 29.48 -5.31 5.59
C ARG C 195 28.96 -6.28 4.51
N ALA C 196 28.04 -7.19 4.87
CA ALA C 196 27.39 -8.08 3.89
C ALA C 196 25.87 -8.10 4.10
N ILE C 197 25.15 -7.93 3.01
CA ILE C 197 23.70 -7.99 3.01
C ILE C 197 23.20 -9.23 2.22
N ASN C 198 22.30 -9.97 2.87
CA ASN C 198 21.65 -11.13 2.32
C ASN C 198 20.15 -10.88 2.07
N ILE C 199 19.59 -11.62 1.13
CA ILE C 199 18.16 -11.58 0.86
C ILE C 199 17.59 -12.99 0.82
N HIS C 200 16.40 -13.17 1.41
CA HIS C 200 15.70 -14.42 1.29
C HIS C 200 14.22 -14.21 1.41
N HIS C 201 13.47 -15.20 0.94
CA HIS C 201 12.03 -15.16 1.02
C HIS C 201 11.54 -15.36 2.46
N SER C 202 10.33 -14.84 2.72
CA SER C 202 9.70 -14.87 4.02
C SER C 202 8.22 -15.17 3.86
N PHE C 203 7.73 -16.08 4.69
CA PHE C 203 6.36 -16.47 4.63
C PHE C 203 5.66 -16.22 5.96
N LEU C 204 4.34 -16.10 5.88
CA LEU C 204 3.47 -16.05 7.05
C LEU C 204 2.32 -17.05 6.83
N PRO C 205 2.30 -18.15 7.60
CA PRO C 205 3.28 -18.56 8.58
C PRO C 205 4.61 -19.00 7.92
N GLY C 206 5.64 -19.25 8.74
CA GLY C 206 6.93 -19.67 8.23
C GLY C 206 6.86 -21.07 7.63
N PHE C 207 7.63 -21.33 6.58
CA PHE C 207 7.69 -22.71 6.07
C PHE C 207 9.12 -23.18 6.04
N LYS C 208 9.35 -24.36 6.62
CA LYS C 208 10.70 -24.95 6.61
C LYS C 208 10.81 -26.07 5.59
N GLY C 209 12.01 -26.25 5.05
CA GLY C 209 12.27 -27.40 4.18
C GLY C 209 11.97 -27.26 2.71
N ALA C 210 11.81 -28.41 2.08
CA ALA C 210 11.67 -28.49 0.64
C ALA C 210 10.40 -27.78 0.15
N LYS C 211 10.52 -27.11 -0.99
CA LYS C 211 9.41 -26.54 -1.71
C LYS C 211 8.49 -25.66 -0.87
N PRO C 212 9.05 -24.59 -0.28
CA PRO C 212 8.28 -23.70 0.57
C PRO C 212 7.11 -23.01 -0.17
N TYR C 213 7.26 -22.73 -1.47
CA TYR C 213 6.15 -22.11 -2.23
C TYR C 213 4.99 -23.07 -2.43
N HIS C 214 5.30 -24.38 -2.54
CA HIS C 214 4.22 -25.39 -2.62
C HIS C 214 3.52 -25.47 -1.29
N GLN C 215 4.31 -25.43 -0.23
CA GLN C 215 3.74 -25.38 1.12
C GLN C 215 2.90 -24.13 1.31
N ALA C 216 3.40 -22.97 0.84
CA ALA C 216 2.64 -21.73 0.96
C ALA C 216 1.32 -21.88 0.19
N HIS C 217 1.41 -22.40 -1.02
CA HIS C 217 0.22 -22.66 -1.80
C HIS C 217 -0.78 -23.55 -1.05
N ALA C 218 -0.32 -24.67 -0.46
CA ALA C 218 -1.24 -25.63 0.20
C ALA C 218 -1.85 -25.01 1.44
N ARG C 219 -1.12 -24.12 2.08
CA ARG C 219 -1.62 -23.42 3.26
C ARG C 219 -2.56 -22.25 2.91
N GLY C 220 -2.68 -21.91 1.63
CA GLY C 220 -3.58 -20.84 1.19
C GLY C 220 -3.23 -19.46 1.75
N VAL C 221 -1.93 -19.12 1.76
CA VAL C 221 -1.48 -17.86 2.27
C VAL C 221 -1.98 -16.77 1.35
N LYS C 222 -2.14 -15.56 1.88
CA LYS C 222 -2.64 -14.43 1.08
C LYS C 222 -1.58 -13.36 0.96
N LEU C 223 -0.37 -13.65 1.43
CA LEU C 223 0.74 -12.75 1.34
C LEU C 223 2.04 -13.52 1.10
N ILE C 224 3.00 -12.88 0.40
CA ILE C 224 4.35 -13.46 0.13
C ILE C 224 5.37 -12.37 0.45
N GLY C 225 6.41 -12.71 1.20
CA GLY C 225 7.37 -11.69 1.63
C GLY C 225 8.83 -11.99 1.38
N ALA C 226 9.67 -11.04 1.77
CA ALA C 226 11.10 -11.21 1.76
C ALA C 226 11.71 -10.32 2.82
N THR C 227 12.88 -10.75 3.28
CA THR C 227 13.66 -10.11 4.32
C THR C 227 15.12 -9.95 3.90
N ALA C 228 15.63 -8.73 3.97
CA ALA C 228 17.03 -8.42 3.75
C ALA C 228 17.65 -8.20 5.11
N HIS C 229 18.83 -8.77 5.33
CA HIS C 229 19.45 -8.73 6.64
C HIS C 229 20.96 -8.72 6.55
N PHE C 230 21.63 -8.22 7.60
CA PHE C 230 23.09 -8.33 7.64
C PHE C 230 23.42 -9.79 7.90
N VAL C 231 24.55 -10.21 7.39
CA VAL C 231 25.00 -11.56 7.57
C VAL C 231 25.70 -11.81 8.90
N THR C 232 25.33 -12.91 9.55
CA THR C 232 25.99 -13.43 10.74
C THR C 232 26.25 -14.95 10.58
N ASP C 233 26.78 -15.59 11.63
CA ASP C 233 26.98 -17.05 11.67
C ASP C 233 25.66 -17.81 11.53
N ASP C 234 24.57 -17.17 11.98
CA ASP C 234 23.22 -17.75 12.02
C ASP C 234 22.54 -17.71 10.63
N LEU C 235 22.41 -18.88 10.02
CA LEU C 235 21.89 -19.02 8.66
C LEU C 235 20.53 -18.32 8.39
N ASP C 236 20.56 -17.29 7.52
CA ASP C 236 19.35 -16.50 7.12
C ASP C 236 18.72 -15.69 8.26
N GLU C 237 19.44 -15.65 9.37
CA GLU C 237 19.09 -14.83 10.49
C GLU C 237 20.23 -13.83 10.64
N GLY C 238 19.88 -12.62 10.97
CA GLY C 238 20.85 -11.60 11.20
C GLY C 238 20.01 -10.39 11.27
N PRO C 239 20.59 -9.28 11.73
CA PRO C 239 19.85 -8.05 11.90
C PRO C 239 19.05 -7.68 10.66
N ILE C 240 17.74 -7.60 10.83
CA ILE C 240 16.84 -7.30 9.74
C ILE C 240 17.02 -5.86 9.32
N ILE C 241 17.16 -5.63 8.02
CA ILE C 241 17.25 -4.27 7.47
C ILE C 241 15.90 -3.84 6.91
N GLU C 242 15.30 -4.72 6.10
CA GLU C 242 14.04 -4.44 5.45
C GLU C 242 13.21 -5.71 5.25
N GLN C 243 11.89 -5.55 5.31
CA GLN C 243 10.92 -6.61 5.01
C GLN C 243 9.84 -6.00 4.16
N VAL C 244 9.42 -6.74 3.15
CA VAL C 244 8.37 -6.34 2.26
C VAL C 244 7.48 -7.55 2.01
N VAL C 245 6.19 -7.29 1.81
CA VAL C 245 5.25 -8.34 1.42
C VAL C 245 4.40 -7.85 0.28
N GLU C 246 3.89 -8.82 -0.48
CA GLU C 246 2.99 -8.61 -1.59
C GLU C 246 1.77 -9.54 -1.43
N ARG C 247 0.59 -9.01 -1.72
CA ARG C 247 -0.65 -9.78 -1.61
C ARG C 247 -0.80 -10.72 -2.76
N VAL C 248 -1.27 -11.92 -2.45
CA VAL C 248 -1.57 -12.97 -3.44
C VAL C 248 -2.93 -13.58 -3.04
N ASP C 249 -3.45 -14.44 -3.88
CA ASP C 249 -4.73 -15.06 -3.56
C ASP C 249 -4.75 -16.51 -4.02
N HIS C 250 -5.92 -17.12 -3.91
CA HIS C 250 -6.13 -18.52 -4.22
C HIS C 250 -5.81 -18.91 -5.66
N SER C 251 -5.79 -17.95 -6.57
CA SER C 251 -5.60 -18.21 -7.99
C SER C 251 -4.12 -18.40 -8.38
N TYR C 252 -3.20 -18.09 -7.45
CA TYR C 252 -1.76 -18.22 -7.68
C TYR C 252 -1.27 -19.64 -7.43
N ARG C 253 -0.80 -20.30 -8.48
CA ARG C 253 -0.25 -21.65 -8.35
C ARG C 253 1.12 -21.55 -7.69
N PRO C 254 1.68 -22.68 -7.24
CA PRO C 254 3.01 -22.58 -6.59
C PRO C 254 4.05 -21.77 -7.41
N GLU C 255 4.14 -22.01 -8.73
CA GLU C 255 5.11 -21.28 -9.59
C GLU C 255 4.81 -19.77 -9.71
N GLN C 256 3.56 -19.39 -9.55
CA GLN C 256 3.17 -17.99 -9.58
C GLN C 256 3.52 -17.34 -8.27
N LEU C 257 3.40 -18.09 -7.17
CA LEU C 257 3.83 -17.60 -5.85
C LEU C 257 5.34 -17.36 -5.86
N LEU C 258 6.07 -18.30 -6.47
CA LEU C 258 7.54 -18.18 -6.64
C LEU C 258 7.91 -16.91 -7.38
N ALA C 259 7.24 -16.64 -8.50
CA ALA C 259 7.46 -15.39 -9.27
C ALA C 259 7.22 -14.14 -8.41
N VAL C 260 6.21 -14.15 -7.55
CA VAL C 260 5.99 -13.02 -6.68
C VAL C 260 7.10 -12.91 -5.64
N GLY C 261 7.44 -14.03 -5.01
CA GLY C 261 8.50 -14.06 -4.02
C GLY C 261 9.80 -13.49 -4.60
N ARG C 262 10.16 -13.90 -5.82
CA ARG C 262 11.38 -13.38 -6.46
C ARG C 262 11.28 -11.85 -6.71
N ASP C 263 10.10 -11.36 -7.14
CA ASP C 263 9.88 -9.93 -7.32
CA ASP C 263 9.89 -9.92 -7.33
C ASP C 263 10.06 -9.18 -5.99
N VAL C 264 9.48 -9.72 -4.92
CA VAL C 264 9.60 -9.08 -3.60
C VAL C 264 11.05 -9.13 -3.07
N GLU C 265 11.75 -10.23 -3.33
CA GLU C 265 13.19 -10.30 -3.00
C GLU C 265 13.97 -9.17 -3.69
N CYS C 266 13.73 -8.95 -4.98
CA CYS C 266 14.37 -7.84 -5.69
C CYS C 266 14.18 -6.47 -5.01
N ILE C 267 12.92 -6.12 -4.76
CA ILE C 267 12.56 -4.82 -4.18
CA ILE C 267 12.64 -4.79 -4.21
C ILE C 267 13.17 -4.67 -2.79
N THR C 268 13.07 -5.73 -2.03
CA THR C 268 13.54 -5.73 -0.63
C THR C 268 15.05 -5.56 -0.57
N LEU C 269 15.77 -6.29 -1.42
CA LEU C 269 17.23 -6.16 -1.46
C LEU C 269 17.64 -4.74 -1.94
N ALA C 270 16.97 -4.25 -2.96
CA ALA C 270 17.31 -2.96 -3.53
C ALA C 270 17.11 -1.86 -2.49
N ARG C 271 16.07 -2.00 -1.66
CA ARG C 271 15.81 -0.99 -0.62
C ARG C 271 16.90 -1.02 0.43
N ALA C 272 17.32 -2.22 0.81
CA ALA C 272 18.38 -2.39 1.80
C ALA C 272 19.70 -1.85 1.32
N VAL C 273 20.01 -2.13 0.05
CA VAL C 273 21.28 -1.70 -0.55
C VAL C 273 21.29 -0.18 -0.63
N LYS C 274 20.17 0.39 -1.06
CA LYS C 274 20.08 1.83 -1.17
C LYS C 274 20.27 2.47 0.24
N ALA C 275 19.68 1.84 1.26
CA ALA C 275 19.80 2.41 2.61
C ALA C 275 21.27 2.38 3.04
N PHE C 276 21.96 1.29 2.74
CA PHE C 276 23.33 1.16 3.09
C PHE C 276 24.22 2.23 2.39
N ILE C 277 24.04 2.44 1.11
CA ILE C 277 24.94 3.34 0.38
C ILE C 277 24.61 4.81 0.66
N GLU C 278 23.42 5.07 1.20
CA GLU C 278 22.99 6.40 1.58
C GLU C 278 23.31 6.68 3.08
N ARG C 279 23.95 5.71 3.70
CA ARG C 279 24.38 5.80 5.10
C ARG C 279 23.17 6.00 6.03
N ARG C 280 22.10 5.24 5.79
CA ARG C 280 20.90 5.34 6.58
C ARG C 280 20.67 4.15 7.47
N VAL C 281 21.58 3.18 7.47
CA VAL C 281 21.37 1.95 8.24
CA VAL C 281 21.33 2.00 8.29
C VAL C 281 22.43 1.80 9.31
N PHE C 282 21.99 1.59 10.56
CA PHE C 282 22.88 1.37 11.66
C PHE C 282 22.60 0.04 12.32
N LEU C 283 23.65 -0.61 12.78
CA LEU C 283 23.49 -1.79 13.63
C LEU C 283 23.09 -1.35 15.02
N ASN C 284 22.18 -2.12 15.61
CA ASN C 284 21.68 -1.92 16.96
C ASN C 284 21.55 -3.32 17.60
N GLY C 285 22.69 -3.95 17.88
CA GLY C 285 22.69 -5.29 18.49
C GLY C 285 22.12 -6.31 17.52
N ASP C 286 21.03 -6.95 17.88
CA ASP C 286 20.40 -7.93 16.98
C ASP C 286 19.42 -7.30 16.01
N ARG C 287 19.28 -5.98 16.04
CA ARG C 287 18.37 -5.31 15.11
C ARG C 287 19.07 -4.15 14.44
N THR C 288 18.34 -3.39 13.62
CA THR C 288 18.86 -2.22 12.97
C THR C 288 17.96 -0.98 13.15
N VAL C 289 18.58 0.17 12.99
CA VAL C 289 17.94 1.46 12.91
C VAL C 289 18.09 1.87 11.46
N VAL C 290 16.98 2.25 10.82
CA VAL C 290 17.01 2.63 9.40
C VAL C 290 16.29 3.94 9.27
N PHE C 291 17.02 4.99 9.01
CA PHE C 291 16.43 6.31 8.85
C PHE C 291 15.90 6.46 7.45
N GLN C 292 14.85 7.24 7.31
CA GLN C 292 14.16 7.42 6.02
C GLN C 292 14.85 8.44 5.16
N HIS D 9 -35.12 -7.24 -6.01
CA HIS D 9 -35.09 -8.34 -5.00
C HIS D 9 -34.02 -9.37 -5.38
N GLN D 10 -32.87 -9.32 -4.72
CA GLN D 10 -31.72 -10.17 -5.10
C GLN D 10 -31.44 -11.39 -4.26
N PHE D 11 -30.82 -12.35 -4.94
CA PHE D 11 -30.43 -13.61 -4.39
C PHE D 11 -28.97 -13.89 -4.74
N VAL D 12 -28.30 -14.68 -3.89
CA VAL D 12 -26.91 -15.07 -4.17
C VAL D 12 -26.79 -16.60 -4.11
N LEU D 13 -26.35 -17.15 -5.24
CA LEU D 13 -26.06 -18.58 -5.39
C LEU D 13 -24.58 -18.79 -5.22
N THR D 14 -24.21 -19.70 -4.31
CA THR D 14 -22.84 -20.11 -4.20
C THR D 14 -22.78 -21.63 -4.33
N LEU D 15 -21.70 -22.14 -4.92
CA LEU D 15 -21.54 -23.56 -5.08
C LEU D 15 -20.09 -23.95 -5.32
N SER D 16 -19.74 -25.14 -4.88
CA SER D 16 -18.46 -25.74 -5.20
C SER D 16 -18.71 -27.21 -5.49
N CYS D 17 -17.91 -27.76 -6.38
CA CYS D 17 -18.04 -29.13 -6.75
C CYS D 17 -16.77 -29.63 -7.38
N PRO D 18 -16.62 -30.95 -7.49
CA PRO D 18 -15.50 -31.50 -8.28
C PRO D 18 -15.60 -30.97 -9.71
N SER D 19 -14.51 -30.48 -10.29
CA SER D 19 -14.57 -29.89 -11.66
CA SER D 19 -14.57 -29.89 -11.64
C SER D 19 -14.90 -30.95 -12.69
N ALA D 20 -15.94 -30.68 -13.48
CA ALA D 20 -16.38 -31.60 -14.52
C ALA D 20 -17.00 -30.85 -15.67
N ALA D 21 -16.94 -31.44 -16.84
CA ALA D 21 -17.47 -30.85 -18.03
C ALA D 21 -18.97 -30.59 -17.89
N GLY D 22 -19.44 -29.40 -18.34
CA GLY D 22 -20.89 -29.12 -18.38
C GLY D 22 -21.46 -28.41 -17.16
N GLN D 23 -20.59 -28.16 -16.18
CA GLN D 23 -20.98 -27.50 -14.94
C GLN D 23 -21.43 -26.05 -15.14
N VAL D 24 -20.68 -25.29 -15.97
CA VAL D 24 -21.08 -23.92 -16.26
C VAL D 24 -22.36 -23.93 -17.07
N ALA D 25 -22.41 -24.74 -18.11
CA ALA D 25 -23.61 -24.88 -18.94
C ALA D 25 -24.85 -25.15 -18.08
N ALA D 26 -24.73 -26.04 -17.10
CA ALA D 26 -25.87 -26.40 -16.25
C ALA D 26 -26.36 -25.24 -15.42
N VAL D 27 -25.42 -24.49 -14.87
CA VAL D 27 -25.75 -23.38 -13.98
C VAL D 27 -26.32 -22.21 -14.76
N VAL D 28 -25.63 -21.81 -15.81
CA VAL D 28 -26.09 -20.68 -16.62
C VAL D 28 -27.36 -21.05 -17.35
N GLY D 29 -27.49 -22.31 -17.77
CA GLY D 29 -28.68 -22.78 -18.46
C GLY D 29 -29.91 -22.67 -17.58
N LEU D 30 -29.72 -22.91 -16.27
CA LEU D 30 -30.81 -22.85 -15.31
C LEU D 30 -31.18 -21.40 -15.01
N LEU D 31 -30.16 -20.57 -14.83
CA LEU D 31 -30.37 -19.14 -14.64
C LEU D 31 -31.13 -18.55 -15.83
N ASP D 32 -30.76 -18.96 -17.05
CA ASP D 32 -31.47 -18.44 -18.24
C ASP D 32 -32.87 -19.01 -18.34
N ARG D 33 -33.04 -20.26 -17.98
CA ARG D 33 -34.36 -20.91 -18.02
C ARG D 33 -35.36 -20.16 -17.12
N HIS D 34 -34.89 -19.69 -15.98
CA HIS D 34 -35.73 -18.95 -15.03
C HIS D 34 -35.65 -17.43 -15.17
N ARG D 35 -35.20 -16.96 -16.34
CA ARG D 35 -35.14 -15.53 -16.67
C ARG D 35 -34.50 -14.69 -15.57
N CYS D 36 -33.41 -15.19 -15.01
CA CYS D 36 -32.73 -14.51 -13.94
C CYS D 36 -31.65 -13.60 -14.49
N TYR D 37 -31.73 -12.30 -14.17
CA TYR D 37 -30.68 -11.36 -14.58
C TYR D 37 -29.52 -11.46 -13.61
N VAL D 38 -28.32 -11.62 -14.16
CA VAL D 38 -27.11 -11.77 -13.34
C VAL D 38 -26.47 -10.41 -12.98
N ASP D 39 -26.54 -10.03 -11.70
CA ASP D 39 -25.93 -8.78 -11.24
C ASP D 39 -24.44 -8.92 -10.99
N GLU D 40 -24.03 -10.10 -10.46
CA GLU D 40 -22.61 -10.43 -10.19
C GLU D 40 -22.35 -11.93 -10.52
N LEU D 41 -21.24 -12.21 -11.20
CA LEU D 41 -20.79 -13.59 -11.45
C LEU D 41 -19.29 -13.61 -11.18
N THR D 42 -18.85 -14.66 -10.49
CA THR D 42 -17.44 -14.95 -10.29
C THR D 42 -17.29 -16.46 -10.25
N VAL D 43 -16.41 -17.02 -11.08
CA VAL D 43 -16.13 -18.46 -11.04
C VAL D 43 -14.60 -18.67 -10.93
N PHE D 44 -14.23 -19.82 -10.38
CA PHE D 44 -12.83 -20.19 -10.22
C PHE D 44 -12.70 -21.66 -10.28
N ASP D 45 -11.74 -22.13 -11.07
CA ASP D 45 -11.46 -23.53 -11.21
C ASP D 45 -10.05 -23.79 -10.70
N ASP D 46 -9.96 -24.66 -9.70
CA ASP D 46 -8.69 -25.00 -9.09
C ASP D 46 -8.28 -26.32 -9.69
N ASP D 47 -7.31 -26.29 -10.61
CA ASP D 47 -6.89 -27.52 -11.25
C ASP D 47 -6.02 -28.43 -10.36
N LEU D 48 -5.53 -27.90 -9.23
CA LEU D 48 -4.72 -28.72 -8.30
C LEU D 48 -5.63 -29.47 -7.32
N SER D 49 -6.67 -28.82 -6.78
CA SER D 49 -7.63 -29.57 -5.94
C SER D 49 -8.73 -30.16 -6.81
N ALA D 50 -8.77 -29.77 -8.07
CA ALA D 50 -9.79 -30.26 -9.02
C ALA D 50 -11.19 -29.92 -8.50
N ARG D 51 -11.36 -28.66 -8.12
CA ARG D 51 -12.57 -28.16 -7.52
C ARG D 51 -13.00 -26.85 -8.22
N PHE D 52 -14.31 -26.70 -8.41
CA PHE D 52 -14.92 -25.57 -9.13
C PHE D 52 -15.79 -24.77 -8.19
N PHE D 53 -15.74 -23.43 -8.31
CA PHE D 53 -16.45 -22.53 -7.41
C PHE D 53 -17.20 -21.44 -8.19
N VAL D 54 -18.43 -21.13 -7.77
CA VAL D 54 -19.23 -20.12 -8.40
C VAL D 54 -19.95 -19.29 -7.38
N ARG D 55 -19.89 -17.95 -7.55
CA ARG D 55 -20.74 -17.03 -6.81
C ARG D 55 -21.51 -16.23 -7.84
N CYS D 56 -22.84 -16.26 -7.74
CA CYS D 56 -23.72 -15.55 -8.66
C CYS D 56 -24.83 -14.80 -7.91
N VAL D 57 -24.87 -13.47 -8.10
CA VAL D 57 -25.91 -12.64 -7.53
C VAL D 57 -26.83 -12.31 -8.69
N PHE D 58 -28.13 -12.50 -8.47
CA PHE D 58 -29.12 -12.32 -9.51
C PHE D 58 -30.48 -11.91 -8.96
N HIS D 59 -31.37 -11.56 -9.88
CA HIS D 59 -32.74 -11.26 -9.54
C HIS D 59 -33.62 -11.65 -10.72
N ALA D 60 -34.88 -11.97 -10.45
CA ALA D 60 -35.81 -12.42 -11.46
C ALA D 60 -36.43 -11.25 -12.20
N THR D 61 -36.64 -11.41 -13.50
CA THR D 61 -37.34 -10.45 -14.35
C THR D 61 -38.58 -11.15 -14.89
N LEU D 67 -42.21 -16.07 -7.79
CA LEU D 67 -42.40 -17.47 -8.12
C LEU D 67 -41.18 -18.14 -8.79
N ARG D 68 -40.46 -17.39 -9.63
CA ARG D 68 -39.36 -17.97 -10.42
C ARG D 68 -38.20 -18.52 -9.61
N VAL D 69 -37.80 -17.82 -8.55
CA VAL D 69 -36.63 -18.24 -7.74
C VAL D 69 -36.92 -19.54 -6.99
N ASP D 70 -38.16 -19.72 -6.53
CA ASP D 70 -38.55 -20.95 -5.84
C ASP D 70 -38.43 -22.16 -6.78
N ALA D 71 -38.83 -21.96 -8.04
CA ALA D 71 -38.76 -23.03 -9.04
C ALA D 71 -37.30 -23.37 -9.37
N LEU D 72 -36.49 -22.32 -9.49
CA LEU D 72 -35.05 -22.45 -9.72
C LEU D 72 -34.38 -23.28 -8.61
N ARG D 73 -34.70 -22.95 -7.37
CA ARG D 73 -34.18 -23.68 -6.22
C ARG D 73 -34.55 -25.15 -6.30
N ARG D 74 -35.80 -25.41 -6.63
CA ARG D 74 -36.32 -26.77 -6.72
C ARG D 74 -35.59 -27.55 -7.81
N GLU D 75 -35.43 -26.93 -8.97
CA GLU D 75 -34.76 -27.56 -10.11
C GLU D 75 -33.23 -27.60 -9.96
N PHE D 76 -32.69 -26.87 -9.01
CA PHE D 76 -31.26 -26.93 -8.83
C PHE D 76 -30.86 -28.28 -8.24
N GLU D 77 -31.77 -28.93 -7.52
CA GLU D 77 -31.48 -30.22 -6.84
C GLU D 77 -30.92 -31.36 -7.73
N PRO D 78 -31.52 -31.62 -8.90
CA PRO D 78 -30.94 -32.69 -9.72
C PRO D 78 -29.57 -32.37 -10.29
N ILE D 79 -29.35 -31.11 -10.66
CA ILE D 79 -28.05 -30.65 -11.15
C ILE D 79 -27.02 -30.77 -10.04
N ALA D 80 -27.37 -30.36 -8.83
CA ALA D 80 -26.46 -30.48 -7.70
C ALA D 80 -26.08 -31.94 -7.44
N GLU D 81 -27.07 -32.84 -7.54
CA GLU D 81 -26.85 -34.26 -7.30
C GLU D 81 -25.94 -34.84 -8.38
N ARG D 82 -26.23 -34.44 -9.61
CA ARG D 82 -25.45 -34.87 -10.77
CA ARG D 82 -25.47 -34.86 -10.76
C ARG D 82 -23.98 -34.49 -10.63
N PHE D 83 -23.70 -33.23 -10.28
CA PHE D 83 -22.31 -32.76 -10.20
C PHE D 83 -21.68 -32.85 -8.82
N ARG D 84 -22.40 -33.38 -7.85
CA ARG D 84 -21.94 -33.40 -6.46
C ARG D 84 -21.58 -32.00 -5.92
N MSE D 85 -22.46 -31.05 -6.16
CA MSE D 85 -22.26 -29.69 -5.68
C MSE D 85 -22.73 -29.46 -4.25
O MSE D 85 -23.80 -29.94 -3.87
CB MSE D 85 -23.08 -28.74 -6.54
CG MSE D 85 -22.65 -28.66 -7.96
SE MSE D 85 -23.90 -27.62 -9.04
CE MSE D 85 -22.99 -27.81 -10.68
N GLN D 86 -21.96 -28.72 -3.45
CA GLN D 86 -22.46 -28.16 -2.17
C GLN D 86 -22.88 -26.77 -2.59
N TRP D 87 -24.07 -26.33 -2.23
CA TRP D 87 -24.59 -25.07 -2.74
C TRP D 87 -25.58 -24.44 -1.82
N ALA D 88 -25.84 -23.18 -2.06
CA ALA D 88 -26.81 -22.44 -1.33
C ALA D 88 -27.29 -21.26 -2.14
N ILE D 89 -28.54 -20.91 -1.92
CA ILE D 89 -29.10 -19.70 -2.47
C ILE D 89 -29.62 -18.91 -1.26
N HIS D 90 -29.10 -17.71 -1.06
CA HIS D 90 -29.48 -16.84 0.06
C HIS D 90 -30.17 -15.58 -0.44
N ASP D 91 -31.18 -15.11 0.29
CA ASP D 91 -31.75 -13.82 -0.02
C ASP D 91 -30.71 -12.76 0.43
N VAL D 92 -30.32 -11.87 -0.49
CA VAL D 92 -29.37 -10.80 -0.16
C VAL D 92 -29.89 -9.88 0.99
N ALA D 93 -31.20 -9.67 1.07
CA ALA D 93 -31.82 -8.85 2.12
C ALA D 93 -31.83 -9.53 3.50
N ALA D 94 -31.62 -10.85 3.55
CA ALA D 94 -31.55 -11.52 4.84
C ALA D 94 -30.23 -11.11 5.49
N ARG D 95 -30.27 -10.89 6.77
CA ARG D 95 -29.09 -10.53 7.49
C ARG D 95 -28.64 -11.76 8.23
N PRO D 96 -27.48 -12.30 7.84
CA PRO D 96 -27.03 -13.51 8.53
C PRO D 96 -26.92 -13.31 10.04
N LYS D 97 -27.35 -14.32 10.79
CA LYS D 97 -27.31 -14.29 12.23
C LYS D 97 -25.92 -14.73 12.77
N VAL D 98 -25.33 -13.87 13.60
CA VAL D 98 -24.00 -14.13 14.15
C VAL D 98 -23.96 -14.01 15.68
N LEU D 99 -23.13 -14.85 16.30
CA LEU D 99 -22.83 -14.79 17.71
C LEU D 99 -21.37 -14.34 17.91
N ILE D 100 -21.13 -13.33 18.74
CA ILE D 100 -19.77 -12.83 18.97
C ILE D 100 -19.30 -13.21 20.32
N MSE D 101 -18.12 -13.82 20.39
CA MSE D 101 -17.50 -14.21 21.65
CA MSE D 101 -17.54 -14.16 21.68
C MSE D 101 -16.42 -13.20 22.00
O MSE D 101 -15.71 -12.73 21.11
CB MSE D 101 -16.89 -15.60 21.56
CB MSE D 101 -17.05 -15.59 21.65
CG MSE D 101 -17.87 -16.70 21.14
CG MSE D 101 -18.10 -16.49 21.06
SE MSE D 101 -19.06 -17.28 22.56
SE MSE D 101 -17.78 -18.29 21.53
CE MSE D 101 -17.74 -17.88 23.86
CE MSE D 101 -18.27 -18.18 23.42
N VAL D 102 -16.28 -12.88 23.28
CA VAL D 102 -15.29 -11.87 23.72
C VAL D 102 -14.85 -12.21 25.13
N SER D 103 -13.68 -11.70 25.49
CA SER D 103 -13.12 -11.88 26.81
C SER D 103 -12.92 -10.46 27.37
N LYS D 104 -11.69 -10.06 27.73
CA LYS D 104 -11.45 -8.74 28.33
C LYS D 104 -10.87 -7.69 27.38
N LEU D 105 -10.56 -8.08 26.13
CA LEU D 105 -9.98 -7.16 25.14
C LEU D 105 -11.12 -6.66 24.25
N GLU D 106 -11.31 -5.36 24.25
CA GLU D 106 -12.44 -4.72 23.59
C GLU D 106 -12.31 -4.49 22.12
N HIS D 107 -11.06 -4.38 21.64
CA HIS D 107 -10.83 -3.77 20.34
C HIS D 107 -11.60 -4.41 19.18
N CYS D 108 -11.59 -5.73 19.04
CA CYS D 108 -12.24 -6.32 17.88
C CYS D 108 -13.75 -6.21 17.97
N LEU D 109 -14.28 -6.50 19.14
CA LEU D 109 -15.71 -6.36 19.36
C LEU D 109 -16.20 -4.95 19.05
N ALA D 110 -15.52 -3.93 19.59
CA ALA D 110 -15.92 -2.54 19.38
C ALA D 110 -15.85 -2.17 17.89
N ASP D 111 -14.81 -2.66 17.19
CA ASP D 111 -14.68 -2.41 15.76
C ASP D 111 -15.85 -3.00 14.99
N LEU D 112 -16.22 -4.23 15.33
CA LEU D 112 -17.33 -4.90 14.63
C LEU D 112 -18.66 -4.20 14.90
N LEU D 113 -18.88 -3.83 16.17
CA LEU D 113 -20.11 -3.10 16.55
C LEU D 113 -20.23 -1.78 15.80
N PHE D 114 -19.13 -1.08 15.62
CA PHE D 114 -19.15 0.19 14.85
C PHE D 114 -19.51 -0.07 13.41
N ARG D 115 -18.81 -1.01 12.77
CA ARG D 115 -19.08 -1.37 11.37
C ARG D 115 -20.55 -1.87 11.20
N TRP D 116 -21.06 -2.59 12.18
CA TRP D 116 -22.46 -3.00 12.19
C TRP D 116 -23.41 -1.81 12.33
N LYS D 117 -23.16 -0.99 13.35
CA LYS D 117 -23.95 0.20 13.61
C LYS D 117 -24.04 1.08 12.38
N MSE D 118 -22.92 1.24 11.67
CA MSE D 118 -22.88 2.15 10.52
C MSE D 118 -23.35 1.51 9.21
O MSE D 118 -23.38 2.16 8.16
CB MSE D 118 -21.46 2.68 10.32
CG MSE D 118 -20.97 3.52 11.50
SE MSE D 118 -22.07 4.92 11.99
CE MSE D 118 -21.90 6.12 10.46
N GLY D 119 -23.71 0.22 9.26
CA GLY D 119 -24.27 -0.45 8.09
C GLY D 119 -23.28 -1.08 7.13
N GLU D 120 -22.02 -1.21 7.52
CA GLU D 120 -21.03 -1.83 6.67
C GLU D 120 -21.16 -3.37 6.77
N LEU D 121 -21.36 -3.88 8.00
CA LEU D 121 -21.56 -5.32 8.21
C LEU D 121 -23.07 -5.59 8.39
N LYS D 122 -23.70 -6.10 7.34
CA LYS D 122 -25.11 -6.32 7.34
C LYS D 122 -25.43 -7.69 7.90
N MSE D 123 -25.52 -7.74 9.22
CA MSE D 123 -25.72 -8.97 9.95
C MSE D 123 -26.54 -8.68 11.18
O MSE D 123 -26.58 -7.52 11.64
CB MSE D 123 -24.36 -9.57 10.33
CG MSE D 123 -23.46 -8.66 11.22
SE MSE D 123 -21.66 -9.33 11.36
CE MSE D 123 -20.99 -8.33 12.91
N ASP D 124 -27.21 -9.71 11.68
CA ASP D 124 -27.94 -9.63 12.93
C ASP D 124 -27.10 -10.26 14.00
N ILE D 125 -26.79 -9.48 15.01
CA ILE D 125 -25.99 -9.98 16.12
C ILE D 125 -26.98 -10.51 17.13
N VAL D 126 -27.08 -11.84 17.22
CA VAL D 126 -28.06 -12.49 18.09
C VAL D 126 -27.62 -12.44 19.54
N GLY D 127 -26.34 -12.20 19.77
CA GLY D 127 -25.82 -12.05 21.11
C GLY D 127 -24.30 -11.92 21.19
N ILE D 128 -23.85 -11.42 22.33
CA ILE D 128 -22.46 -11.34 22.71
C ILE D 128 -22.34 -12.20 23.95
N VAL D 129 -21.36 -13.10 23.95
CA VAL D 129 -21.17 -14.06 25.04
C VAL D 129 -19.72 -13.96 25.48
N SER D 130 -19.49 -14.03 26.78
CA SER D 130 -18.16 -13.86 27.29
C SER D 130 -17.93 -14.67 28.56
N ASN D 131 -16.65 -14.92 28.84
CA ASN D 131 -16.22 -15.53 30.08
C ASN D 131 -16.02 -14.47 31.15
N HIS D 132 -16.13 -13.18 30.76
CA HIS D 132 -16.04 -12.09 31.72
C HIS D 132 -17.23 -11.12 31.56
N PRO D 133 -17.50 -10.33 32.59
CA PRO D 133 -18.64 -9.42 32.51
C PRO D 133 -18.32 -8.06 31.95
N ASP D 134 -17.05 -7.85 31.57
CA ASP D 134 -16.54 -6.52 31.19
C ASP D 134 -17.36 -5.78 30.12
N PHE D 135 -17.84 -6.50 29.10
CA PHE D 135 -18.52 -5.80 28.00
C PHE D 135 -20.04 -5.85 28.02
N ALA D 136 -20.62 -6.16 29.19
CA ALA D 136 -22.07 -6.09 29.36
C ALA D 136 -22.56 -4.69 29.06
N PRO D 137 -21.92 -3.66 29.61
CA PRO D 137 -22.45 -2.29 29.33
C PRO D 137 -22.37 -1.93 27.86
N LEU D 138 -21.27 -2.29 27.22
CA LEU D 138 -21.13 -2.05 25.77
C LEU D 138 -22.27 -2.70 25.02
N ALA D 139 -22.57 -3.95 25.34
CA ALA D 139 -23.64 -4.65 24.70
C ALA D 139 -24.97 -3.90 24.90
N ALA D 140 -25.25 -3.50 26.15
CA ALA D 140 -26.48 -2.77 26.45
C ALA D 140 -26.57 -1.47 25.65
N GLN D 141 -25.44 -0.82 25.44
CA GLN D 141 -25.42 0.46 24.69
C GLN D 141 -25.86 0.27 23.24
N HIS D 142 -25.68 -0.94 22.73
CA HIS D 142 -26.08 -1.29 21.36
C HIS D 142 -27.37 -2.08 21.29
N GLY D 143 -28.01 -2.27 22.43
CA GLY D 143 -29.28 -2.99 22.50
C GLY D 143 -29.14 -4.47 22.20
N LEU D 144 -27.98 -5.04 22.51
CA LEU D 144 -27.71 -6.44 22.21
C LEU D 144 -27.67 -7.30 23.45
N PRO D 145 -28.17 -8.52 23.33
CA PRO D 145 -28.12 -9.50 24.42
C PRO D 145 -26.69 -9.84 24.80
N PHE D 146 -26.42 -9.89 26.09
CA PHE D 146 -25.13 -10.23 26.60
C PHE D 146 -25.26 -11.36 27.60
N ARG D 147 -24.40 -12.39 27.49
CA ARG D 147 -24.40 -13.51 28.47
C ARG D 147 -23.00 -13.74 29.05
N HIS D 148 -22.89 -13.65 30.36
CA HIS D 148 -21.63 -13.94 31.05
C HIS D 148 -21.65 -15.38 31.53
N PHE D 149 -20.73 -16.19 30.99
CA PHE D 149 -20.59 -17.57 31.44
C PHE D 149 -19.17 -17.75 32.01
N PRO D 150 -18.99 -17.51 33.33
CA PRO D 150 -17.63 -17.62 33.86
C PRO D 150 -17.10 -19.05 33.79
N ILE D 151 -15.78 -19.17 33.88
CA ILE D 151 -15.08 -20.44 33.86
C ILE D 151 -14.28 -20.60 35.16
N THR D 152 -14.25 -21.84 35.67
CA THR D 152 -13.40 -22.24 36.82
C THR D 152 -12.68 -23.52 36.40
N ALA D 153 -11.67 -23.93 37.17
CA ALA D 153 -10.88 -25.13 36.84
C ALA D 153 -11.76 -26.37 36.58
N ASP D 154 -12.76 -26.60 37.44
CA ASP D 154 -13.63 -27.79 37.34
C ASP D 154 -14.86 -27.66 36.44
N THR D 155 -15.00 -26.58 35.68
CA THR D 155 -16.22 -26.35 34.90
CA THR D 155 -16.22 -26.37 34.90
C THR D 155 -15.95 -25.95 33.44
N LYS D 156 -14.74 -26.20 32.95
CA LYS D 156 -14.39 -25.82 31.56
C LYS D 156 -15.29 -26.51 30.52
N ALA D 157 -15.58 -27.79 30.71
CA ALA D 157 -16.46 -28.53 29.79
C ALA D 157 -17.91 -28.03 29.84
N GLN D 158 -18.39 -27.73 31.05
CA GLN D 158 -19.78 -27.30 31.24
C GLN D 158 -20.03 -25.85 30.71
N GLN D 159 -19.05 -24.97 30.90
CA GLN D 159 -19.16 -23.60 30.40
CA GLN D 159 -19.17 -23.60 30.41
C GLN D 159 -19.26 -23.61 28.89
N GLU D 160 -18.43 -24.42 28.23
CA GLU D 160 -18.50 -24.53 26.77
C GLU D 160 -19.91 -24.95 26.35
N ALA D 161 -20.50 -25.91 27.06
CA ALA D 161 -21.84 -26.38 26.76
C ALA D 161 -22.85 -25.24 26.88
N GLN D 162 -22.64 -24.37 27.86
CA GLN D 162 -23.53 -23.23 28.06
C GLN D 162 -23.57 -22.34 26.83
N TRP D 163 -22.43 -21.91 26.33
CA TRP D 163 -22.47 -21.01 25.16
C TRP D 163 -22.77 -21.76 23.86
N LEU D 164 -22.43 -23.05 23.81
CA LEU D 164 -22.79 -23.82 22.62
C LEU D 164 -24.29 -23.94 22.55
N ASP D 165 -24.95 -24.07 23.70
CA ASP D 165 -26.43 -24.10 23.74
C ASP D 165 -26.99 -22.78 23.24
N VAL D 166 -26.41 -21.66 23.69
CA VAL D 166 -26.85 -20.33 23.22
C VAL D 166 -26.70 -20.24 21.70
N PHE D 167 -25.58 -20.74 21.20
CA PHE D 167 -25.33 -20.76 19.77
C PHE D 167 -26.43 -21.52 19.03
N GLU D 168 -26.77 -22.71 19.51
CA GLU D 168 -27.84 -23.50 18.84
C GLU D 168 -29.22 -22.85 18.91
N THR D 169 -29.62 -22.44 20.11
CA THR D 169 -30.97 -21.89 20.29
C THR D 169 -31.14 -20.52 19.61
N SER D 170 -30.05 -19.78 19.44
CA SER D 170 -30.13 -18.44 18.85
C SER D 170 -30.35 -18.42 17.35
N GLY D 171 -30.09 -19.55 16.68
CA GLY D 171 -30.21 -19.60 15.22
C GLY D 171 -28.99 -19.02 14.49
N ALA D 172 -27.94 -18.63 15.22
CA ALA D 172 -26.73 -18.11 14.58
C ALA D 172 -26.14 -19.13 13.62
N GLU D 173 -25.57 -18.65 12.52
CA GLU D 173 -24.85 -19.53 11.59
C GLU D 173 -23.34 -19.33 11.66
N LEU D 174 -22.91 -18.32 12.42
CA LEU D 174 -21.50 -17.99 12.54
C LEU D 174 -21.18 -17.54 13.93
N VAL D 175 -20.04 -18.02 14.44
CA VAL D 175 -19.49 -17.57 15.71
C VAL D 175 -18.26 -16.76 15.38
N ILE D 176 -18.21 -15.52 15.84
CA ILE D 176 -17.07 -14.70 15.64
C ILE D 176 -16.31 -14.61 16.97
N LEU D 177 -15.08 -15.07 16.96
CA LEU D 177 -14.22 -15.06 18.14
C LEU D 177 -13.46 -13.76 18.11
N ALA D 178 -14.07 -12.75 18.71
CA ALA D 178 -13.47 -11.39 18.76
C ALA D 178 -12.46 -11.32 19.92
N ARG D 179 -11.33 -12.00 19.73
CA ARG D 179 -10.32 -12.20 20.81
C ARG D 179 -10.90 -12.88 22.02
N TYR D 180 -11.62 -13.98 21.79
CA TYR D 180 -12.10 -14.82 22.87
C TYR D 180 -10.89 -15.58 23.29
N MSE D 181 -10.51 -15.50 24.57
CA MSE D 181 -9.17 -15.98 24.93
C MSE D 181 -9.10 -17.37 25.59
O MSE D 181 -8.07 -17.72 26.15
CB MSE D 181 -8.46 -14.92 25.81
CG MSE D 181 -8.22 -13.60 25.05
SE MSE D 181 -7.21 -14.02 23.43
CE MSE D 181 -5.59 -14.59 24.30
N GLN D 182 -10.17 -18.14 25.49
CA GLN D 182 -10.15 -19.52 25.97
C GLN D 182 -9.96 -20.47 24.79
N VAL D 183 -9.10 -21.45 24.93
CA VAL D 183 -8.88 -22.42 23.87
C VAL D 183 -10.15 -23.28 23.71
N LEU D 184 -10.63 -23.43 22.49
CA LEU D 184 -11.78 -24.28 22.25
C LEU D 184 -11.36 -25.76 22.32
N SER D 185 -12.17 -26.59 22.99
CA SER D 185 -11.93 -28.02 23.04
C SER D 185 -12.00 -28.63 21.64
N PRO D 186 -11.39 -29.81 21.44
CA PRO D 186 -11.59 -30.49 20.14
C PRO D 186 -13.08 -30.70 19.76
N GLU D 187 -13.93 -31.01 20.74
CA GLU D 187 -15.36 -31.22 20.47
CA GLU D 187 -15.35 -31.23 20.46
C GLU D 187 -16.05 -29.91 20.04
N ALA D 188 -15.73 -28.82 20.73
CA ALA D 188 -16.28 -27.52 20.36
C ALA D 188 -15.78 -27.13 18.97
N SER D 189 -14.50 -27.37 18.71
CA SER D 189 -13.92 -26.99 17.44
C SER D 189 -14.58 -27.75 16.29
N ALA D 190 -14.82 -29.05 16.49
CA ALA D 190 -15.44 -29.89 15.46
C ALA D 190 -16.87 -29.44 15.21
N ARG D 191 -17.58 -29.12 16.28
CA ARG D 191 -18.97 -28.69 16.19
C ARG D 191 -19.12 -27.35 15.45
N LEU D 192 -18.15 -26.46 15.64
CA LEU D 192 -18.14 -25.14 14.99
C LEU D 192 -17.33 -25.12 13.70
N ALA D 193 -16.80 -26.29 13.30
CA ALA D 193 -15.93 -26.40 12.11
C ALA D 193 -16.47 -25.63 10.93
N ASN D 194 -15.67 -24.68 10.43
CA ASN D 194 -16.02 -23.85 9.27
C ASN D 194 -17.25 -22.94 9.45
N ARG D 195 -17.72 -22.81 10.70
CA ARG D 195 -18.78 -21.88 11.05
C ARG D 195 -18.35 -20.93 12.18
N ALA D 196 -17.05 -20.75 12.33
CA ALA D 196 -16.52 -19.83 13.35
C ALA D 196 -15.23 -19.30 12.82
N ILE D 197 -15.03 -18.00 13.05
CA ILE D 197 -13.85 -17.30 12.58
C ILE D 197 -13.08 -16.74 13.78
N ASN D 198 -11.80 -17.03 13.79
CA ASN D 198 -10.88 -16.58 14.82
C ASN D 198 -9.92 -15.58 14.22
N ILE D 199 -9.33 -14.76 15.11
CA ILE D 199 -8.37 -13.76 14.73
C ILE D 199 -7.19 -13.83 15.69
N HIS D 200 -5.97 -13.75 15.15
CA HIS D 200 -4.79 -13.61 16.02
C HIS D 200 -3.68 -12.84 15.34
N HIS D 201 -2.70 -12.36 16.12
CA HIS D 201 -1.61 -11.61 15.53
C HIS D 201 -0.67 -12.55 14.77
N SER D 202 0.11 -11.96 13.88
CA SER D 202 1.06 -12.68 13.04
C SER D 202 2.30 -11.83 12.81
N PHE D 203 3.43 -12.50 12.76
CA PHE D 203 4.71 -11.85 12.57
C PHE D 203 5.55 -12.59 11.55
N LEU D 204 6.48 -11.83 10.98
CA LEU D 204 7.50 -12.37 10.09
CA LEU D 204 7.49 -12.35 10.08
C LEU D 204 8.85 -11.92 10.68
N PRO D 205 9.62 -12.87 11.25
CA PRO D 205 9.33 -14.28 11.42
C PRO D 205 8.33 -14.46 12.58
N GLY D 206 7.86 -15.70 12.75
CA GLY D 206 6.90 -16.03 13.80
C GLY D 206 7.55 -15.96 15.17
N PHE D 207 6.81 -15.49 16.17
CA PHE D 207 7.31 -15.50 17.55
C PHE D 207 6.33 -16.31 18.42
N LYS D 208 6.83 -17.35 19.05
CA LYS D 208 6.02 -18.19 19.94
C LYS D 208 6.41 -17.87 21.36
N GLY D 209 5.47 -18.07 22.29
CA GLY D 209 5.74 -17.91 23.71
C GLY D 209 5.49 -16.53 24.28
N ALA D 210 6.09 -16.29 25.42
CA ALA D 210 5.86 -15.07 26.17
C ALA D 210 6.22 -13.80 25.41
N LYS D 211 5.35 -12.81 25.58
CA LYS D 211 5.58 -11.45 25.14
C LYS D 211 6.04 -11.36 23.70
N PRO D 212 5.18 -11.78 22.77
CA PRO D 212 5.58 -11.79 21.36
C PRO D 212 5.88 -10.39 20.80
N TYR D 213 5.27 -9.34 21.33
CA TYR D 213 5.55 -7.97 20.83
C TYR D 213 6.90 -7.47 21.36
N HIS D 214 7.32 -7.94 22.53
CA HIS D 214 8.69 -7.65 23.00
C HIS D 214 9.69 -8.40 22.10
N GLN D 215 9.38 -9.63 21.75
CA GLN D 215 10.23 -10.37 20.84
C GLN D 215 10.34 -9.70 19.46
N ALA D 216 9.20 -9.20 18.95
CA ALA D 216 9.15 -8.51 17.64
C ALA D 216 9.98 -7.24 17.68
N HIS D 217 9.86 -6.51 18.79
CA HIS D 217 10.69 -5.32 19.02
C HIS D 217 12.16 -5.67 19.09
N ALA D 218 12.51 -6.73 19.83
CA ALA D 218 13.93 -7.15 19.99
C ALA D 218 14.59 -7.50 18.67
N ARG D 219 13.85 -8.24 17.84
CA ARG D 219 14.28 -8.70 16.52
C ARG D 219 14.19 -7.54 15.46
N GLY D 220 13.59 -6.44 15.85
CA GLY D 220 13.49 -5.28 14.99
C GLY D 220 12.77 -5.55 13.70
N VAL D 221 11.64 -6.26 13.77
CA VAL D 221 10.83 -6.52 12.59
C VAL D 221 10.34 -5.19 12.04
N LYS D 222 10.03 -5.14 10.75
CA LYS D 222 9.55 -3.91 10.13
C LYS D 222 8.12 -4.03 9.70
N LEU D 223 7.47 -5.12 10.09
CA LEU D 223 6.06 -5.38 9.73
C LEU D 223 5.41 -6.08 10.90
N ILE D 224 4.13 -5.80 11.13
CA ILE D 224 3.32 -6.47 12.17
C ILE D 224 2.01 -6.90 11.46
N GLY D 225 1.54 -8.10 11.70
CA GLY D 225 0.35 -8.55 11.00
C GLY D 225 -0.72 -9.27 11.82
N ALA D 226 -1.72 -9.81 11.13
CA ALA D 226 -2.75 -10.62 11.77
C ALA D 226 -3.32 -11.56 10.72
N THR D 227 -3.87 -12.66 11.20
CA THR D 227 -4.50 -13.67 10.36
C THR D 227 -5.88 -14.02 10.93
N ALA D 228 -6.89 -14.02 10.06
CA ALA D 228 -8.24 -14.50 10.36
C ALA D 228 -8.36 -15.85 9.68
N HIS D 229 -8.90 -16.82 10.40
CA HIS D 229 -9.04 -18.17 9.91
C HIS D 229 -10.29 -18.86 10.44
N PHE D 230 -10.74 -19.87 9.71
CA PHE D 230 -11.83 -20.70 10.19
C PHE D 230 -11.31 -21.61 11.30
N VAL D 231 -12.14 -21.83 12.30
CA VAL D 231 -11.87 -22.77 13.33
C VAL D 231 -12.13 -24.17 12.77
N THR D 232 -11.25 -25.10 13.05
CA THR D 232 -11.49 -26.49 12.72
C THR D 232 -10.90 -27.31 13.82
N ASP D 233 -11.14 -28.62 13.75
CA ASP D 233 -10.59 -29.60 14.70
C ASP D 233 -9.37 -30.28 14.06
N ASP D 234 -8.38 -29.49 13.67
CA ASP D 234 -7.16 -29.99 13.08
C ASP D 234 -6.02 -29.71 14.06
N LEU D 235 -4.81 -30.12 13.74
CA LEU D 235 -3.73 -29.90 14.69
C LEU D 235 -3.32 -28.45 14.65
N ASP D 236 -3.19 -27.92 13.46
CA ASP D 236 -2.86 -26.51 13.32
C ASP D 236 -4.10 -25.78 13.01
N GLU D 237 -3.99 -24.48 13.10
CA GLU D 237 -5.14 -23.67 12.87
CA GLU D 237 -5.04 -23.56 12.76
C GLU D 237 -5.79 -23.98 11.51
N GLY D 238 -7.10 -23.78 11.50
CA GLY D 238 -7.89 -24.06 10.33
C GLY D 238 -7.61 -23.08 9.19
N PRO D 239 -8.38 -23.18 8.12
CA PRO D 239 -8.06 -22.45 6.91
C PRO D 239 -7.95 -20.93 7.04
N ILE D 240 -6.92 -20.39 6.44
CA ILE D 240 -6.68 -18.96 6.45
C ILE D 240 -7.74 -18.28 5.55
N ILE D 241 -8.38 -17.24 6.07
CA ILE D 241 -9.32 -16.42 5.28
C ILE D 241 -8.67 -15.14 4.80
N GLU D 242 -8.02 -14.43 5.73
CA GLU D 242 -7.35 -13.17 5.39
C GLU D 242 -6.07 -12.96 6.24
N GLN D 243 -5.09 -12.30 5.63
CA GLN D 243 -3.89 -11.88 6.31
C GLN D 243 -3.64 -10.44 5.90
N VAL D 244 -3.25 -9.62 6.87
CA VAL D 244 -2.91 -8.20 6.64
C VAL D 244 -1.66 -7.87 7.44
N VAL D 245 -0.81 -7.00 6.89
CA VAL D 245 0.34 -6.51 7.62
C VAL D 245 0.40 -5.01 7.52
N GLU D 246 1.02 -4.40 8.52
CA GLU D 246 1.24 -2.97 8.57
CA GLU D 246 1.25 -2.95 8.55
C GLU D 246 2.72 -2.71 8.87
N ARG D 247 3.29 -1.71 8.23
CA ARG D 247 4.68 -1.34 8.41
C ARG D 247 4.93 -0.61 9.71
N VAL D 248 6.05 -0.93 10.35
CA VAL D 248 6.50 -0.29 11.59
C VAL D 248 7.99 -0.08 11.43
N ASP D 249 8.59 0.61 12.40
CA ASP D 249 10.02 0.79 12.39
C ASP D 249 10.61 0.76 13.76
N HIS D 250 11.92 0.99 13.81
CA HIS D 250 12.72 0.95 15.03
C HIS D 250 12.23 1.85 16.17
N SER D 251 11.47 2.90 15.84
CA SER D 251 11.00 3.86 16.85
C SER D 251 9.78 3.36 17.60
N TYR D 252 9.21 2.24 17.15
CA TYR D 252 8.05 1.70 17.83
C TYR D 252 8.45 0.83 19.01
N ARG D 253 8.07 1.28 20.21
CA ARG D 253 8.30 0.53 21.39
CA ARG D 253 8.30 0.53 21.42
C ARG D 253 7.36 -0.68 21.35
N PRO D 254 7.62 -1.71 22.18
CA PRO D 254 6.78 -2.90 22.28
C PRO D 254 5.28 -2.56 22.46
N GLU D 255 4.95 -1.60 23.30
CA GLU D 255 3.54 -1.24 23.51
CA GLU D 255 3.55 -1.20 23.53
C GLU D 255 2.95 -0.59 22.25
N GLN D 256 3.78 0.06 21.44
CA GLN D 256 3.30 0.66 20.18
C GLN D 256 3.10 -0.40 19.08
N LEU D 257 3.99 -1.40 19.05
CA LEU D 257 3.81 -2.57 18.18
C LEU D 257 2.50 -3.28 18.53
N LEU D 258 2.22 -3.41 19.83
CA LEU D 258 0.97 -4.03 20.32
CA LEU D 258 0.99 -4.06 20.29
C LEU D 258 -0.24 -3.30 19.73
N ALA D 259 -0.18 -1.98 19.79
CA ALA D 259 -1.23 -1.11 19.30
C ALA D 259 -1.48 -1.32 17.81
N VAL D 260 -0.42 -1.40 17.02
CA VAL D 260 -0.53 -1.67 15.59
C VAL D 260 -1.13 -3.08 15.36
N GLY D 261 -0.61 -4.06 16.07
CA GLY D 261 -1.10 -5.42 15.96
C GLY D 261 -2.61 -5.51 16.24
N ARG D 262 -3.06 -4.88 17.32
CA ARG D 262 -4.51 -4.89 17.64
C ARG D 262 -5.34 -4.22 16.53
N ASP D 263 -4.82 -3.14 15.98
CA ASP D 263 -5.48 -2.43 14.88
CA ASP D 263 -5.47 -2.43 14.88
C ASP D 263 -5.58 -3.34 13.67
N VAL D 264 -4.49 -4.05 13.36
CA VAL D 264 -4.50 -4.93 12.21
C VAL D 264 -5.47 -6.13 12.47
N GLU D 265 -5.52 -6.61 13.71
CA GLU D 265 -6.48 -7.68 14.06
C GLU D 265 -7.91 -7.19 13.73
N CYS D 266 -8.21 -5.93 14.07
CA CYS D 266 -9.54 -5.38 13.79
C CYS D 266 -9.87 -5.42 12.28
N ILE D 267 -8.96 -4.88 11.45
CA ILE D 267 -9.18 -4.80 10.02
CA ILE D 267 -9.21 -4.80 10.01
C ILE D 267 -9.29 -6.19 9.42
N THR D 268 -8.41 -7.07 9.89
CA THR D 268 -8.36 -8.44 9.36
C THR D 268 -9.63 -9.23 9.66
N LEU D 269 -10.09 -9.17 10.90
CA LEU D 269 -11.31 -9.85 11.30
C LEU D 269 -12.53 -9.33 10.54
N ALA D 270 -12.63 -8.00 10.43
CA ALA D 270 -13.73 -7.35 9.75
C ALA D 270 -13.82 -7.80 8.28
N ARG D 271 -12.67 -7.86 7.62
CA ARG D 271 -12.61 -8.34 6.22
C ARG D 271 -13.09 -9.78 6.09
N ALA D 272 -12.64 -10.66 6.99
CA ALA D 272 -13.07 -12.07 6.99
C ALA D 272 -14.56 -12.20 7.25
N VAL D 273 -15.06 -11.45 8.25
CA VAL D 273 -16.48 -11.50 8.60
C VAL D 273 -17.34 -10.99 7.46
N LYS D 274 -16.91 -9.92 6.83
CA LYS D 274 -17.68 -9.35 5.74
C LYS D 274 -17.73 -10.34 4.58
N ALA D 275 -16.59 -10.94 4.29
CA ALA D 275 -16.52 -11.93 3.21
C ALA D 275 -17.43 -13.12 3.49
N PHE D 276 -17.53 -13.55 4.76
CA PHE D 276 -18.42 -14.63 5.12
C PHE D 276 -19.90 -14.22 4.93
N ILE D 277 -20.28 -13.05 5.45
CA ILE D 277 -21.69 -12.63 5.38
C ILE D 277 -22.14 -12.20 3.95
N GLU D 278 -21.19 -11.83 3.11
CA GLU D 278 -21.48 -11.55 1.70
C GLU D 278 -21.34 -12.81 0.79
N ARG D 279 -21.12 -13.97 1.40
CA ARG D 279 -20.99 -15.26 0.69
C ARG D 279 -19.87 -15.22 -0.35
N ARG D 280 -18.70 -14.72 0.06
CA ARG D 280 -17.56 -14.65 -0.85
C ARG D 280 -16.43 -15.61 -0.45
N VAL D 281 -16.64 -16.42 0.57
CA VAL D 281 -15.57 -17.33 1.02
C VAL D 281 -16.01 -18.78 0.94
N PHE D 282 -15.17 -19.59 0.31
CA PHE D 282 -15.40 -21.01 0.17
C PHE D 282 -14.25 -21.83 0.74
N LEU D 283 -14.59 -22.98 1.29
CA LEU D 283 -13.60 -23.94 1.71
C LEU D 283 -13.06 -24.67 0.50
N ASN D 284 -11.74 -24.90 0.48
CA ASN D 284 -11.07 -25.60 -0.61
C ASN D 284 -10.05 -26.52 0.06
N GLY D 285 -10.53 -27.55 0.73
CA GLY D 285 -9.63 -28.42 1.51
C GLY D 285 -9.14 -27.64 2.72
N ASP D 286 -7.83 -27.53 2.87
CA ASP D 286 -7.22 -26.82 3.99
C ASP D 286 -6.95 -25.36 3.69
N ARG D 287 -7.45 -24.88 2.56
CA ARG D 287 -7.32 -23.47 2.23
C ARG D 287 -8.69 -22.89 1.80
N THR D 288 -8.74 -21.60 1.54
CA THR D 288 -9.98 -20.95 1.15
C THR D 288 -9.84 -20.22 -0.18
N VAL D 289 -10.99 -20.13 -0.85
CA VAL D 289 -11.16 -19.30 -2.00
C VAL D 289 -11.94 -18.07 -1.53
N VAL D 290 -11.39 -16.89 -1.77
CA VAL D 290 -12.05 -15.65 -1.37
C VAL D 290 -12.20 -14.78 -2.59
N PHE D 291 -13.46 -14.54 -2.96
CA PHE D 291 -13.75 -13.67 -4.06
C PHE D 291 -13.80 -12.24 -3.60
N GLN D 292 -13.25 -11.37 -4.42
CA GLN D 292 -13.37 -9.92 -4.16
C GLN D 292 -14.79 -9.44 -4.38
O1 UNL E . -3.07 11.14 -26.63
O2 UNL E . -1.26 11.06 -28.69
O3 UNL E . -1.12 11.23 -26.53
O4 UNL E . 0.65 11.18 -28.15
O5 UNL E . -3.34 11.98 -29.65
S SO4 F . -1.53 5.07 2.41
O1 SO4 F . -2.32 6.30 2.46
O2 SO4 F . -1.55 4.50 3.74
O3 SO4 F . -0.15 5.39 1.92
O4 SO4 F . -2.19 4.19 1.45
S SO4 G . 8.74 14.90 -17.63
O1 SO4 G . 7.83 15.65 -16.74
O2 SO4 G . 10.07 15.48 -17.62
O3 SO4 G . 8.17 15.04 -18.99
O4 SO4 G . 8.88 13.45 -17.26
S SO4 H . -1.49 -0.30 -6.26
O1 SO4 H . -2.92 -0.42 -5.86
O2 SO4 H . -1.37 0.68 -7.33
O3 SO4 H . -0.74 0.19 -5.10
O4 SO4 H . -0.92 -1.56 -6.64
S SO4 I . 10.48 15.91 -28.51
O1 SO4 I . 9.88 16.98 -27.69
O2 SO4 I . 11.37 15.09 -27.68
O3 SO4 I . 11.29 16.51 -29.57
O4 SO4 I . 9.44 15.08 -29.09
C1 EDO J . 13.48 -12.42 -25.45
O1 EDO J . 12.47 -12.72 -24.50
C2 EDO J . 14.59 -11.68 -24.73
O2 EDO J . 15.77 -11.66 -25.53
C1 EDO K . -13.18 -8.66 -27.82
O1 EDO K . -12.29 -9.25 -28.77
C2 EDO K . -13.26 -7.17 -28.09
O2 EDO K . -14.51 -6.67 -27.60
C1 EDO L . -9.33 -8.09 -26.17
O1 EDO L . -10.37 -7.11 -26.26
C2 EDO L . -8.81 -8.12 -24.74
O2 EDO L . -7.73 -7.19 -24.55
C1 EDO M . -3.70 -15.96 -20.84
O1 EDO M . -3.10 -14.77 -21.38
C2 EDO M . -3.34 -16.14 -19.37
O2 EDO M . -4.54 -16.28 -18.59
C1 EDO N . 9.99 -16.42 -17.79
O1 EDO N . 9.18 -17.46 -18.35
C2 EDO N . 11.22 -16.17 -18.68
O2 EDO N . 11.99 -17.37 -18.85
C1 EDO O . 17.85 -3.64 -20.00
O1 EDO O . 16.98 -4.69 -20.42
C2 EDO O . 17.63 -2.45 -20.91
O2 EDO O . 17.06 -1.36 -20.23
C1 EDO P . 12.67 -2.93 -13.58
O1 EDO P . 11.31 -2.63 -13.81
C2 EDO P . 13.12 -2.10 -12.39
O2 EDO P . 13.88 -2.91 -11.52
C1 EDO Q . 4.57 -4.86 -13.00
O1 EDO Q . 4.49 -3.41 -13.05
C2 EDO Q . 3.43 -5.51 -13.76
O2 EDO Q . 3.66 -5.28 -15.17
C1 EDO R . 2.30 1.03 -5.47
O1 EDO R . 1.88 0.05 -6.44
C2 EDO R . 3.09 2.12 -6.20
O2 EDO R . 3.99 1.50 -7.12
S SO4 S . -21.04 13.27 -0.93
O1 SO4 S . -21.17 14.68 -0.53
O2 SO4 S . -20.31 12.50 0.13
O3 SO4 S . -20.36 13.28 -2.24
O4 SO4 S . -22.38 12.67 -1.06
S SO4 T . -26.50 21.25 4.00
O1 SO4 T . -25.45 21.91 4.79
O2 SO4 T . -26.50 19.81 4.28
O3 SO4 T . -26.22 21.44 2.57
O4 SO4 T . -27.81 21.81 4.31
C1 PEG U . -22.63 11.75 -6.30
O1 PEG U . -21.60 12.27 -7.10
C2 PEG U . -23.30 10.60 -7.01
O2 PEG U . -23.84 9.75 -6.00
C3 PEG U . -23.84 8.34 -6.30
C4 PEG U . -25.12 7.72 -5.77
O4 PEG U . -25.96 7.33 -6.87
C1 PEG V . -24.19 3.70 20.01
O1 PEG V . -25.39 2.91 20.12
C2 PEG V . -23.19 3.28 21.09
O2 PEG V . -21.93 3.98 20.93
C3 PEG V . -21.83 5.17 21.73
C4 PEG V . -20.90 4.96 22.94
O4 PEG V . -21.04 6.04 23.88
C1 PEG W . 26.12 24.03 31.24
O1 PEG W . 26.71 23.45 32.42
C2 PEG W . 24.68 24.48 31.53
O2 PEG W . 24.43 25.82 31.07
C3 PEG W . 24.63 26.03 29.66
C4 PEG W . 23.65 27.07 29.15
O4 PEG W . 24.05 27.59 27.88
C1 PEG X . 0.33 16.39 22.66
O1 PEG X . -0.16 17.61 22.03
C2 PEG X . 1.39 15.66 21.83
O2 PEG X . 1.23 14.22 21.93
C3 PEG X . 2.09 13.44 21.06
C4 PEG X . 3.35 12.90 21.80
O4 PEG X . 4.25 12.17 20.91
C1 EDO Y . 10.45 14.70 8.70
O1 EDO Y . 9.93 13.69 7.85
C2 EDO Y . 11.85 15.12 8.29
O2 EDO Y . 11.68 15.87 7.10
C1 EDO Z . -18.19 -5.19 -7.02
O1 EDO Z . -18.97 -4.10 -7.49
C2 EDO Z . -17.03 -4.68 -6.17
O2 EDO Z . -17.51 -3.88 -5.08
C1 EDO AA . -34.81 21.81 11.36
O1 EDO AA . -35.92 20.89 11.31
C2 EDO AA . -35.33 23.22 11.71
O2 EDO AA . -34.31 24.22 11.57
C1 EDO BA . -13.18 9.81 26.10
O1 EDO BA . -14.08 8.70 26.13
C2 EDO BA . -12.03 9.54 27.02
O2 EDO BA . -11.07 8.68 26.37
S SO4 CA . 13.83 -19.97 -5.00
O1 SO4 CA . 13.78 -18.56 -5.50
O2 SO4 CA . 15.18 -20.26 -4.46
O3 SO4 CA . 13.54 -20.85 -6.15
O4 SO4 CA . 12.88 -20.26 -3.91
S SO4 DA . 5.66 -1.06 1.37
O1 SO4 DA . 6.07 0.00 0.48
O2 SO4 DA . 5.24 -0.52 2.71
O3 SO4 DA . 6.74 -2.01 1.55
O4 SO4 DA . 4.56 -1.80 0.77
S SO4 EA . 24.08 -23.56 -5.82
O1 SO4 EA . 23.38 -22.90 -6.92
O2 SO4 EA . 25.00 -22.64 -5.15
O3 SO4 EA . 24.81 -24.69 -6.40
O4 SO4 EA . 23.10 -24.07 -4.84
C1 PEG FA . 21.83 12.29 1.15
O1 PEG FA . 20.88 12.40 2.24
C2 PEG FA . 21.84 10.84 0.63
O2 PEG FA . 23.15 10.39 0.21
C3 PEG FA . 24.01 9.94 1.27
C4 PEG FA . 25.47 9.90 0.81
O4 PEG FA . 25.91 8.56 0.49
C1 EDO GA . 25.25 4.21 8.09
O1 EDO GA . 24.96 3.19 7.11
C2 EDO GA . 26.62 4.03 8.75
O2 EDO GA . 26.51 3.13 9.85
C1 EDO HA . 32.80 5.27 -0.18
O1 EDO HA . 33.48 5.26 -1.45
C2 EDO HA . 32.42 6.69 0.23
O2 EDO HA . 31.00 6.84 0.39
C1 EDO IA . 20.77 -5.59 -16.47
O1 EDO IA . 19.82 -6.49 -15.99
C2 EDO IA . 20.22 -4.18 -16.60
O2 EDO IA . 20.16 -3.78 -17.97
C1 EDO JA . 39.45 26.01 12.62
O1 EDO JA . 39.84 24.63 12.50
C2 EDO JA . 38.14 26.12 13.39
O2 EDO JA . 38.23 25.44 14.65
C1 EDO KA . 27.84 3.85 12.79
O1 EDO KA . 27.91 3.83 14.21
C2 EDO KA . 28.51 5.10 12.28
O2 EDO KA . 29.65 4.78 11.47
S SO4 LA . -3.87 -4.64 2.09
O1 SO4 LA . -2.89 -3.65 2.52
O2 SO4 LA . -4.09 -5.58 3.19
O3 SO4 LA . -3.35 -5.33 0.87
O4 SO4 LA . -5.18 -4.06 1.83
S SO4 MA . -2.52 -9.13 22.96
O1 SO4 MA . -3.31 -8.32 22.00
O2 SO4 MA . -2.22 -8.26 24.11
O3 SO4 MA . -1.29 -9.68 22.35
O4 SO4 MA . -3.26 -10.29 23.41
S SO4 NA . -9.23 -14.67 29.86
O1 SO4 NA . -9.35 -13.22 29.63
O2 SO4 NA . -7.82 -15.05 29.74
O3 SO4 NA . -9.68 -14.99 31.23
O4 SO4 NA . -10.03 -15.41 28.87
C1 PEG OA . -10.87 -16.48 -9.91
O1 PEG OA . -12.12 -16.05 -10.48
C2 PEG OA . -10.81 -16.00 -8.47
O2 PEG OA . -10.99 -14.58 -8.46
C3 PEG OA . -11.24 -13.97 -7.20
C4 PEG OA . -12.40 -13.00 -7.37
O4 PEG OA . -12.07 -11.71 -6.85
C1 PEG PA . 3.96 -8.48 24.72
O1 PEG PA . 3.49 -9.32 23.67
C2 PEG PA . 3.08 -7.24 24.80
O2 PEG PA . 3.85 -6.23 25.44
C3 PEG PA . 3.62 -4.90 24.96
C4 PEG PA . 3.36 -3.97 26.13
O4 PEG PA . 2.52 -4.62 27.10
C1 EDO QA . -28.16 -2.16 12.64
O1 EDO QA . -28.59 -1.55 11.44
C2 EDO QA . -27.47 -1.11 13.47
O2 EDO QA . -28.41 -0.63 14.42
C1 EDO RA . -8.61 -19.58 20.52
O1 EDO RA . -10.00 -19.69 20.87
C2 EDO RA . -7.93 -18.43 21.27
O2 EDO RA . -6.88 -18.92 22.13
C1 EDO SA . -18.39 -21.73 5.05
O1 EDO SA . -18.21 -21.33 3.68
C2 EDO SA . -19.88 -21.77 5.41
O2 EDO SA . -20.60 -20.71 4.75
C1 EDO TA . -8.65 -21.19 17.32
O1 EDO TA . -9.23 -22.17 16.48
C2 EDO TA . -7.36 -21.73 17.92
O2 EDO TA . -6.25 -21.51 17.03
C1 EDO UA . -4.14 -1.13 9.90
O1 EDO UA . -3.92 -1.49 8.52
C2 EDO UA . -4.81 0.26 9.99
O2 EDO UA . -3.93 1.25 10.51
#